data_8V5B
#
_entry.id   8V5B
#
_cell.length_a   87.220
_cell.length_b   95.590
_cell.length_c   112.310
_cell.angle_alpha   90.00
_cell.angle_beta   90.00
_cell.angle_gamma   90.00
#
_symmetry.space_group_name_H-M   'P 21 21 21'
#
loop_
_entity.id
_entity.type
_entity.pdbx_description
1 polymer 'Dihydropteridine reductase'
2 non-polymer 'FLAVIN MONONUCLEOTIDE'
3 non-polymer 'ACETATE ION'
4 non-polymer 'polyethylene glycol'
5 non-polymer 'CHLORIDE ION'
6 water water
#
_entity_poly.entity_id   1
_entity_poly.type   'polypeptide(L)'
_entity_poly.pdbx_seq_one_letter_code
;MDIISVALKRHSTKAFDASKKLTPEQAEQIKTLLQYSPSSTNSQPWHFIVASTEEGKARVAKSAAGNYVANERKMLDASH
VVVFCAKTAMDDVWLKLVVDQEDADGRYATPEAKAANDKGRKFFADMHRKDLHDDAEWMAKQVYLNVGNFLLGVAALGLD
AVPIEGFDAAILDAEFGLKEKGYTSLVVVPVGHHSVEDFNATLPKSRLPQNITLTEV
;
_entity_poly.pdbx_strand_id   A,B,C,D
#
# COMPACT_ATOMS: atom_id res chain seq x y z
N MET A 1 -0.57 -14.77 -9.78
CA MET A 1 -0.27 -13.98 -8.54
C MET A 1 -0.84 -14.75 -7.32
N ASP A 2 -0.19 -14.61 -6.17
CA ASP A 2 -0.54 -15.34 -4.93
C ASP A 2 -1.87 -14.81 -4.37
N ILE A 3 -2.40 -15.46 -3.35
CA ILE A 3 -3.72 -15.06 -2.78
C ILE A 3 -3.61 -13.68 -2.11
N ILE A 4 -2.45 -13.25 -1.60
CA ILE A 4 -2.34 -11.90 -1.00
C ILE A 4 -2.47 -10.84 -2.12
N SER A 5 -1.88 -11.10 -3.28
CA SER A 5 -2.09 -10.24 -4.46
C SER A 5 -3.58 -10.14 -4.76
N VAL A 6 -4.26 -11.29 -4.73
CA VAL A 6 -5.70 -11.31 -5.06
C VAL A 6 -6.40 -10.43 -4.02
N ALA A 7 -6.09 -10.60 -2.73
CA ALA A 7 -6.78 -9.90 -1.63
C ALA A 7 -6.52 -8.40 -1.74
N LEU A 8 -5.30 -8.00 -2.10
CA LEU A 8 -4.93 -6.56 -2.22
C LEU A 8 -5.51 -5.92 -3.48
N LYS A 9 -5.82 -6.70 -4.52
CA LYS A 9 -6.11 -6.14 -5.86
C LYS A 9 -7.58 -6.36 -6.24
N ARG A 10 -8.32 -7.26 -5.60
CA ARG A 10 -9.75 -7.42 -5.96
C ARG A 10 -10.45 -6.09 -5.60
N HIS A 11 -11.65 -5.84 -6.12
CA HIS A 11 -12.43 -4.65 -5.73
C HIS A 11 -13.89 -4.94 -5.94
N SER A 12 -14.73 -4.15 -5.30
CA SER A 12 -16.19 -4.09 -5.58
C SER A 12 -16.37 -3.38 -6.93
N THR A 13 -16.80 -4.14 -7.93
CA THR A 13 -17.04 -3.61 -9.31
C THR A 13 -18.31 -2.74 -9.33
N LYS A 14 -18.20 -1.53 -9.88
CA LYS A 14 -19.32 -0.55 -9.94
C LYS A 14 -19.97 -0.49 -11.31
N ALA A 15 -19.39 -1.12 -12.33
CA ALA A 15 -19.98 -1.20 -13.68
C ALA A 15 -19.41 -2.40 -14.42
N PHE A 16 -20.32 -3.23 -14.97
CA PHE A 16 -20.03 -4.50 -15.67
C PHE A 16 -20.16 -4.31 -17.19
N ASP A 17 -19.30 -4.99 -17.92
CA ASP A 17 -19.35 -5.07 -19.39
C ASP A 17 -20.37 -6.15 -19.79
N ALA A 18 -21.51 -5.73 -20.32
CA ALA A 18 -22.63 -6.61 -20.68
C ALA A 18 -22.24 -7.48 -21.89
N SER A 19 -21.11 -7.24 -22.57
CA SER A 19 -20.65 -8.09 -23.70
C SER A 19 -19.83 -9.29 -23.19
N LYS A 20 -19.31 -9.26 -21.96
CA LYS A 20 -18.34 -10.28 -21.47
C LYS A 20 -19.03 -11.28 -20.55
N LYS A 21 -18.99 -12.57 -20.92
CA LYS A 21 -19.71 -13.66 -20.19
C LYS A 21 -18.70 -14.58 -19.50
N LEU A 22 -19.15 -15.25 -18.44
CA LEU A 22 -18.39 -16.36 -17.85
C LEU A 22 -18.28 -17.42 -18.96
N THR A 23 -17.20 -18.18 -19.01
CA THR A 23 -17.17 -19.46 -19.77
C THR A 23 -18.06 -20.50 -19.08
N PRO A 24 -18.48 -21.56 -19.79
CA PRO A 24 -19.25 -22.64 -19.16
C PRO A 24 -18.45 -23.25 -18.00
N GLU A 25 -17.12 -23.32 -18.15
CA GLU A 25 -16.18 -23.77 -17.09
C GLU A 25 -16.31 -22.85 -15.85
N GLN A 26 -16.25 -21.53 -16.04
CA GLN A 26 -16.31 -20.56 -14.92
C GLN A 26 -17.67 -20.64 -14.24
N ALA A 27 -18.75 -20.87 -14.99
CA ALA A 27 -20.13 -21.01 -14.47
C ALA A 27 -20.18 -22.18 -13.47
N GLU A 28 -19.57 -23.31 -13.81
CA GLU A 28 -19.47 -24.52 -12.95
C GLU A 28 -18.58 -24.20 -11.75
N GLN A 29 -17.48 -23.48 -11.95
CA GLN A 29 -16.53 -23.14 -10.87
C GLN A 29 -17.23 -22.30 -9.80
N ILE A 30 -18.02 -21.29 -10.17
CA ILE A 30 -18.67 -20.41 -9.16
C ILE A 30 -19.72 -21.23 -8.41
N LYS A 31 -20.39 -22.19 -9.03
CA LYS A 31 -21.39 -23.03 -8.32
C LYS A 31 -20.65 -23.94 -7.33
N THR A 32 -19.50 -24.47 -7.70
CA THR A 32 -18.66 -25.25 -6.77
C THR A 32 -18.32 -24.41 -5.53
N LEU A 33 -17.91 -23.16 -5.71
CA LEU A 33 -17.57 -22.30 -4.57
C LEU A 33 -18.76 -22.16 -3.64
N LEU A 34 -19.96 -21.93 -4.20
CA LEU A 34 -21.16 -21.74 -3.37
C LEU A 34 -21.39 -23.01 -2.55
N GLN A 35 -21.26 -24.16 -3.18
CA GLN A 35 -21.66 -25.45 -2.57
C GLN A 35 -20.68 -25.78 -1.44
N TYR A 36 -19.39 -25.57 -1.65
CA TYR A 36 -18.32 -26.14 -0.77
C TYR A 36 -17.83 -25.18 0.32
N SER A 37 -18.51 -24.04 0.49
CA SER A 37 -18.33 -23.15 1.67
C SER A 37 -18.46 -23.95 2.95
N PRO A 38 -17.60 -23.76 3.98
CA PRO A 38 -17.88 -24.29 5.31
C PRO A 38 -19.06 -23.53 5.94
N SER A 39 -19.58 -24.09 7.01
CA SER A 39 -20.68 -23.51 7.79
C SER A 39 -20.67 -24.20 9.15
N SER A 40 -21.20 -23.54 10.17
CA SER A 40 -21.28 -24.13 11.54
C SER A 40 -22.01 -25.47 11.47
N THR A 41 -21.39 -26.54 11.99
CA THR A 41 -21.96 -27.92 12.07
C THR A 41 -22.26 -28.46 10.65
N ASN A 42 -21.61 -27.95 9.59
CA ASN A 42 -21.99 -28.28 8.16
C ASN A 42 -23.50 -28.09 7.94
N SER A 43 -24.12 -27.14 8.64
CA SER A 43 -25.59 -26.92 8.60
C SER A 43 -26.05 -26.46 7.21
N GLN A 44 -25.16 -25.81 6.43
CA GLN A 44 -25.43 -25.44 5.02
C GLN A 44 -26.81 -24.80 4.91
N PRO A 45 -27.14 -23.79 5.77
CA PRO A 45 -28.52 -23.31 5.90
C PRO A 45 -28.87 -22.28 4.84
N TRP A 46 -28.71 -22.67 3.57
CA TRP A 46 -28.67 -21.71 2.46
C TRP A 46 -29.33 -22.25 1.19
N HIS A 47 -29.76 -21.29 0.37
CA HIS A 47 -30.20 -21.50 -1.03
C HIS A 47 -29.51 -20.46 -1.90
N PHE A 48 -29.14 -20.84 -3.11
CA PHE A 48 -28.56 -19.88 -4.09
C PHE A 48 -29.48 -19.84 -5.30
N ILE A 49 -29.85 -18.64 -5.72
CA ILE A 49 -30.40 -18.41 -7.08
C ILE A 49 -29.26 -17.91 -7.95
N VAL A 50 -28.98 -18.60 -9.04
CA VAL A 50 -27.89 -18.18 -9.98
C VAL A 50 -28.59 -17.81 -11.28
N ALA A 51 -28.75 -16.51 -11.47
CA ALA A 51 -29.42 -15.94 -12.63
C ALA A 51 -28.38 -15.76 -13.73
N SER A 52 -28.51 -16.49 -14.83
CA SER A 52 -27.64 -16.31 -16.04
C SER A 52 -28.48 -15.91 -17.25
N THR A 53 -29.79 -16.18 -17.30
CA THR A 53 -30.67 -15.70 -18.40
C THR A 53 -30.92 -14.18 -18.25
N GLU A 54 -31.20 -13.52 -19.36
CA GLU A 54 -31.64 -12.09 -19.37
C GLU A 54 -32.91 -11.96 -18.52
N GLU A 55 -33.85 -12.88 -18.61
CA GLU A 55 -35.08 -12.81 -17.79
C GLU A 55 -34.73 -12.95 -16.30
N GLY A 56 -33.92 -13.94 -15.94
CA GLY A 56 -33.55 -14.22 -14.53
C GLY A 56 -32.90 -13.03 -13.87
N LYS A 57 -31.97 -12.41 -14.60
CA LYS A 57 -31.25 -11.22 -14.10
C LYS A 57 -32.27 -10.08 -13.93
N ALA A 58 -33.14 -9.89 -14.91
CA ALA A 58 -34.17 -8.83 -14.83
C ALA A 58 -35.07 -9.11 -13.64
N ARG A 59 -35.35 -10.39 -13.35
CA ARG A 59 -36.25 -10.71 -12.21
C ARG A 59 -35.54 -10.35 -10.90
N VAL A 60 -34.24 -10.58 -10.80
CA VAL A 60 -33.48 -10.21 -9.56
C VAL A 60 -33.39 -8.69 -9.45
N ALA A 61 -33.14 -8.02 -10.55
CA ALA A 61 -32.93 -6.56 -10.62
C ALA A 61 -34.18 -5.80 -10.19
N LYS A 62 -35.35 -6.41 -10.20
CA LYS A 62 -36.59 -5.76 -9.70
C LYS A 62 -36.37 -5.30 -8.26
N SER A 63 -35.60 -6.06 -7.48
CA SER A 63 -35.38 -5.82 -6.03
C SER A 63 -34.61 -4.52 -5.84
N ALA A 64 -33.94 -4.02 -6.86
CA ALA A 64 -33.13 -2.81 -6.78
C ALA A 64 -33.84 -1.59 -7.37
N ALA A 65 -34.96 -1.75 -8.07
CA ALA A 65 -35.55 -0.62 -8.85
C ALA A 65 -35.97 0.53 -7.89
N GLY A 66 -35.93 1.79 -8.35
CA GLY A 66 -36.29 2.97 -7.53
C GLY A 66 -35.16 3.39 -6.58
N ASN A 67 -35.12 2.85 -5.37
CA ASN A 67 -34.24 3.33 -4.27
C ASN A 67 -32.78 2.85 -4.43
N TYR A 68 -32.51 1.83 -5.25
CA TYR A 68 -31.15 1.25 -5.38
C TYR A 68 -30.75 1.11 -6.86
N VAL A 69 -30.96 2.14 -7.69
CA VAL A 69 -30.81 2.01 -9.17
C VAL A 69 -29.34 1.74 -9.56
N ALA A 70 -28.38 2.25 -8.80
CA ALA A 70 -26.95 2.02 -9.11
C ALA A 70 -26.68 0.51 -9.03
N ASN A 71 -27.29 -0.12 -8.02
CA ASN A 71 -27.22 -1.60 -7.84
C ASN A 71 -28.01 -2.32 -8.93
N GLU A 72 -29.10 -1.73 -9.43
CA GLU A 72 -29.95 -2.37 -10.45
C GLU A 72 -29.12 -2.64 -11.72
N ARG A 73 -28.35 -1.66 -12.17
CA ARG A 73 -27.54 -1.80 -13.41
C ARG A 73 -26.47 -2.87 -13.21
N LYS A 74 -25.86 -2.97 -12.05
CA LYS A 74 -24.87 -4.06 -11.83
C LYS A 74 -25.55 -5.42 -12.01
N MET A 75 -26.76 -5.61 -11.51
CA MET A 75 -27.50 -6.90 -11.66
C MET A 75 -27.87 -7.16 -13.13
N LEU A 76 -28.22 -6.12 -13.90
CA LEU A 76 -28.60 -6.27 -15.35
C LEU A 76 -27.37 -6.53 -16.23
N ASP A 77 -26.20 -5.95 -15.95
CA ASP A 77 -25.06 -5.95 -16.90
C ASP A 77 -24.04 -7.08 -16.61
N ALA A 78 -24.05 -7.68 -15.43
CA ALA A 78 -23.12 -8.76 -15.08
C ALA A 78 -23.52 -10.04 -15.83
N SER A 79 -22.57 -10.96 -16.02
CA SER A 79 -22.82 -12.27 -16.67
C SER A 79 -23.75 -13.13 -15.81
N HIS A 80 -23.41 -13.32 -14.53
CA HIS A 80 -24.16 -14.24 -13.64
C HIS A 80 -24.49 -13.46 -12.36
N VAL A 81 -25.68 -13.60 -11.83
CA VAL A 81 -26.03 -12.87 -10.59
C VAL A 81 -26.44 -13.91 -9.57
N VAL A 82 -25.70 -13.98 -8.45
CA VAL A 82 -25.99 -14.94 -7.33
C VAL A 82 -26.76 -14.23 -6.21
N VAL A 83 -27.91 -14.80 -5.88
CA VAL A 83 -28.70 -14.41 -4.71
C VAL A 83 -28.37 -15.43 -3.62
N PHE A 84 -27.76 -14.94 -2.53
CA PHE A 84 -27.49 -15.72 -1.31
C PHE A 84 -28.73 -15.60 -0.44
N CYS A 85 -29.35 -16.75 -0.14
CA CYS A 85 -30.52 -16.88 0.75
C CYS A 85 -30.19 -17.71 1.99
N ALA A 86 -30.71 -17.32 3.15
CA ALA A 86 -30.71 -18.14 4.37
C ALA A 86 -32.06 -18.84 4.53
N LYS A 87 -32.07 -20.02 5.12
CA LYS A 87 -33.31 -20.60 5.71
C LYS A 87 -33.86 -19.63 6.75
N THR A 88 -35.18 -19.58 6.86
CA THR A 88 -35.89 -18.72 7.83
C THR A 88 -36.04 -19.43 9.17
N ALA A 89 -35.90 -20.77 9.25
CA ALA A 89 -35.91 -21.52 10.53
C ALA A 89 -35.10 -22.82 10.42
N MET A 90 -34.39 -23.21 11.47
CA MET A 90 -33.56 -24.43 11.44
C MET A 90 -34.42 -25.60 11.92
N ASP A 91 -34.84 -26.46 11.02
CA ASP A 91 -35.71 -27.61 11.39
C ASP A 91 -34.89 -28.90 11.37
N ASP A 92 -35.36 -29.91 12.11
CA ASP A 92 -34.74 -31.25 12.19
C ASP A 92 -34.74 -31.94 10.83
N VAL A 93 -35.69 -31.65 9.95
CA VAL A 93 -35.70 -32.28 8.60
C VAL A 93 -34.45 -31.85 7.80
N TRP A 94 -34.10 -30.57 7.84
CA TRP A 94 -32.87 -30.09 7.17
C TRP A 94 -31.66 -30.80 7.78
N LEU A 95 -31.59 -30.87 9.12
CA LEU A 95 -30.42 -31.50 9.79
C LEU A 95 -30.35 -32.98 9.41
N LYS A 96 -31.50 -33.63 9.16
CA LYS A 96 -31.53 -35.05 8.71
C LYS A 96 -30.97 -35.15 7.29
N LEU A 97 -31.35 -34.25 6.40
CA LEU A 97 -30.82 -34.20 5.01
C LEU A 97 -29.29 -34.16 5.04
N VAL A 98 -28.74 -33.25 5.84
CA VAL A 98 -27.27 -33.02 5.99
C VAL A 98 -26.59 -34.29 6.52
N VAL A 99 -27.09 -34.91 7.60
CA VAL A 99 -26.44 -36.15 8.17
C VAL A 99 -26.54 -37.30 7.18
N ASP A 100 -27.66 -37.42 6.49
CA ASP A 100 -27.85 -38.50 5.50
C ASP A 100 -26.83 -38.34 4.39
N GLN A 101 -26.61 -37.10 3.95
CA GLN A 101 -25.64 -36.81 2.87
C GLN A 101 -24.23 -37.12 3.38
N GLU A 102 -23.88 -36.72 4.61
CA GLU A 102 -22.59 -37.09 5.26
C GLU A 102 -22.43 -38.63 5.29
N ASP A 103 -23.51 -39.34 5.58
CA ASP A 103 -23.52 -40.82 5.61
C ASP A 103 -23.32 -41.36 4.19
N ALA A 104 -24.03 -40.83 3.19
CA ALA A 104 -23.83 -41.16 1.75
C ALA A 104 -22.36 -40.97 1.34
N ASP A 105 -21.70 -39.93 1.85
CA ASP A 105 -20.31 -39.57 1.51
C ASP A 105 -19.34 -40.45 2.31
N GLY A 106 -19.84 -41.19 3.31
CA GLY A 106 -19.04 -42.20 4.05
C GLY A 106 -18.29 -41.61 5.25
N ARG A 107 -18.72 -40.47 5.80
CA ARG A 107 -17.96 -39.84 6.90
C ARG A 107 -18.19 -40.57 8.22
N TYR A 108 -19.13 -41.51 8.31
CA TYR A 108 -19.43 -42.23 9.58
C TYR A 108 -19.07 -43.71 9.42
N ALA A 109 -18.17 -44.19 10.29
CA ALA A 109 -17.72 -45.60 10.39
C ALA A 109 -18.85 -46.48 10.93
N THR A 110 -19.67 -45.96 11.84
CA THR A 110 -20.68 -46.75 12.57
C THR A 110 -21.95 -45.92 12.64
N PRO A 111 -23.13 -46.56 12.78
CA PRO A 111 -24.36 -45.83 13.10
C PRO A 111 -24.19 -45.01 14.39
N GLU A 112 -23.33 -45.44 15.31
CA GLU A 112 -23.14 -44.75 16.63
C GLU A 112 -22.41 -43.41 16.39
N ALA A 113 -21.36 -43.37 15.56
CA ALA A 113 -20.65 -42.12 15.15
C ALA A 113 -21.67 -41.16 14.49
N LYS A 114 -22.50 -41.65 13.56
CA LYS A 114 -23.54 -40.85 12.86
C LYS A 114 -24.51 -40.25 13.89
N ALA A 115 -24.96 -41.04 14.87
CA ALA A 115 -25.86 -40.62 15.95
C ALA A 115 -25.18 -39.56 16.83
N ALA A 116 -23.92 -39.78 17.20
CA ALA A 116 -23.12 -38.84 18.02
C ALA A 116 -23.02 -37.49 17.30
N ASN A 117 -22.77 -37.50 16.00
CA ASN A 117 -22.58 -36.25 15.22
C ASN A 117 -23.93 -35.52 15.14
N ASP A 118 -25.00 -36.25 14.83
CA ASP A 118 -26.36 -35.67 14.76
C ASP A 118 -26.67 -35.03 16.11
N LYS A 119 -26.38 -35.74 17.21
CA LYS A 119 -26.67 -35.30 18.62
C LYS A 119 -25.96 -33.97 18.87
N GLY A 120 -24.66 -33.91 18.61
CA GLY A 120 -23.84 -32.69 18.77
C GLY A 120 -24.33 -31.53 17.90
N ARG A 121 -24.65 -31.76 16.63
CA ARG A 121 -25.22 -30.72 15.73
C ARG A 121 -26.50 -30.15 16.36
N LYS A 122 -27.39 -31.04 16.82
CA LYS A 122 -28.67 -30.66 17.49
C LYS A 122 -28.41 -29.80 18.72
N PHE A 123 -27.38 -30.10 19.52
CA PHE A 123 -27.00 -29.30 20.72
C PHE A 123 -26.79 -27.84 20.31
N PHE A 124 -25.94 -27.58 19.30
CA PHE A 124 -25.67 -26.21 18.79
C PHE A 124 -26.98 -25.62 18.25
N ALA A 125 -27.71 -26.37 17.42
CA ALA A 125 -28.97 -25.90 16.79
C ALA A 125 -29.95 -25.45 17.89
N ASP A 126 -30.10 -26.21 18.98
CA ASP A 126 -31.02 -25.90 20.11
C ASP A 126 -30.51 -24.69 20.92
N MET A 127 -29.21 -24.47 21.02
CA MET A 127 -28.71 -23.24 21.70
C MET A 127 -29.34 -22.04 20.97
N HIS A 128 -29.45 -22.10 19.64
CA HIS A 128 -30.02 -21.02 18.80
C HIS A 128 -31.55 -21.06 18.78
N ARG A 129 -32.17 -22.17 18.39
CA ARG A 129 -33.66 -22.30 18.23
C ARG A 129 -34.36 -22.12 19.57
N LYS A 130 -33.85 -22.73 20.65
CA LYS A 130 -34.61 -22.88 21.92
C LYS A 130 -34.11 -21.82 22.93
N ASP A 131 -32.80 -21.73 23.20
CA ASP A 131 -32.23 -20.86 24.26
C ASP A 131 -32.18 -19.40 23.83
N LEU A 132 -31.51 -19.09 22.71
CA LEU A 132 -31.27 -17.67 22.30
C LEU A 132 -32.40 -17.17 21.40
N HIS A 133 -33.17 -18.05 20.76
CA HIS A 133 -34.17 -17.66 19.73
C HIS A 133 -33.52 -16.71 18.69
N ASP A 134 -32.29 -17.01 18.29
CA ASP A 134 -31.54 -16.25 17.24
C ASP A 134 -31.18 -17.17 16.07
N ASP A 135 -31.91 -18.26 15.83
CA ASP A 135 -31.47 -19.23 14.79
C ASP A 135 -31.50 -18.57 13.40
N ALA A 136 -32.42 -17.64 13.15
CA ALA A 136 -32.51 -16.95 11.84
C ALA A 136 -31.21 -16.14 11.65
N GLU A 137 -30.75 -15.46 12.70
CA GLU A 137 -29.50 -14.65 12.68
C GLU A 137 -28.28 -15.58 12.52
N TRP A 138 -28.29 -16.71 13.22
CA TRP A 138 -27.17 -17.68 13.21
C TRP A 138 -26.97 -18.25 11.78
N MET A 139 -28.06 -18.65 11.13
CA MET A 139 -28.04 -19.15 9.74
C MET A 139 -27.56 -18.04 8.80
N ALA A 140 -28.04 -16.81 9.01
CA ALA A 140 -27.71 -15.65 8.16
C ALA A 140 -26.20 -15.42 8.21
N LYS A 141 -25.61 -15.55 9.40
CA LYS A 141 -24.15 -15.43 9.62
C LYS A 141 -23.40 -16.47 8.77
N GLN A 142 -23.89 -17.70 8.68
CA GLN A 142 -23.22 -18.76 7.89
C GLN A 142 -23.29 -18.37 6.42
N VAL A 143 -24.40 -17.76 6.00
CA VAL A 143 -24.58 -17.32 4.59
C VAL A 143 -23.57 -16.20 4.30
N TYR A 144 -23.37 -15.25 5.21
CA TYR A 144 -22.36 -14.19 5.02
C TYR A 144 -20.96 -14.82 4.92
N LEU A 145 -20.68 -15.87 5.69
CA LEU A 145 -19.36 -16.51 5.63
C LEU A 145 -19.18 -17.07 4.20
N ASN A 146 -20.22 -17.64 3.64
CA ASN A 146 -20.21 -18.18 2.26
C ASN A 146 -19.91 -17.03 1.29
N VAL A 147 -20.56 -15.89 1.46
CA VAL A 147 -20.26 -14.68 0.63
C VAL A 147 -18.77 -14.36 0.72
N GLY A 148 -18.20 -14.28 1.92
CA GLY A 148 -16.77 -14.00 2.14
C GLY A 148 -15.86 -14.92 1.32
N ASN A 149 -16.14 -16.21 1.43
CA ASN A 149 -15.46 -17.29 0.70
C ASN A 149 -15.61 -17.04 -0.80
N PHE A 150 -16.83 -16.73 -1.19
CA PHE A 150 -17.23 -16.55 -2.60
C PHE A 150 -16.49 -15.36 -3.23
N LEU A 151 -16.49 -14.21 -2.58
CA LEU A 151 -15.83 -12.99 -3.15
C LEU A 151 -14.34 -13.25 -3.38
N LEU A 152 -13.66 -13.89 -2.45
CA LEU A 152 -12.22 -14.18 -2.60
C LEU A 152 -12.01 -15.21 -3.72
N GLY A 153 -12.85 -16.24 -3.78
CA GLY A 153 -12.73 -17.29 -4.81
C GLY A 153 -12.92 -16.74 -6.22
N VAL A 154 -13.94 -15.91 -6.44
CA VAL A 154 -14.21 -15.40 -7.81
C VAL A 154 -13.07 -14.45 -8.22
N ALA A 155 -12.51 -13.66 -7.31
CA ALA A 155 -11.31 -12.84 -7.58
C ALA A 155 -10.13 -13.76 -8.00
N ALA A 156 -9.87 -14.86 -7.29
CA ALA A 156 -8.77 -15.78 -7.60
C ALA A 156 -9.03 -16.48 -8.95
N LEU A 157 -10.28 -16.56 -9.40
CA LEU A 157 -10.62 -17.08 -10.76
C LEU A 157 -10.38 -16.00 -11.83
N GLY A 158 -10.07 -14.77 -11.45
CA GLY A 158 -9.84 -13.68 -12.39
C GLY A 158 -11.16 -13.05 -12.79
N LEU A 159 -12.20 -13.14 -11.95
CA LEU A 159 -13.51 -12.54 -12.29
C LEU A 159 -13.77 -11.33 -11.40
N ASP A 160 -14.58 -10.41 -11.91
CA ASP A 160 -15.06 -9.23 -11.14
C ASP A 160 -16.38 -9.56 -10.45
N ALA A 161 -16.61 -8.89 -9.32
CA ALA A 161 -17.83 -9.11 -8.52
C ALA A 161 -18.12 -7.89 -7.65
N VAL A 162 -19.34 -7.83 -7.17
CA VAL A 162 -19.69 -6.84 -6.13
C VAL A 162 -20.76 -7.45 -5.23
N PRO A 163 -20.54 -7.44 -3.90
CA PRO A 163 -21.57 -7.83 -2.97
C PRO A 163 -22.56 -6.68 -2.81
N ILE A 164 -23.85 -7.00 -2.80
CA ILE A 164 -24.93 -5.97 -2.71
C ILE A 164 -25.88 -6.28 -1.55
N GLU A 165 -25.94 -5.36 -0.59
CA GLU A 165 -26.98 -5.30 0.48
C GLU A 165 -28.08 -4.29 0.13
N GLY A 166 -27.80 -3.35 -0.78
CA GLY A 166 -28.73 -2.29 -1.26
C GLY A 166 -29.74 -2.85 -2.25
N PHE A 167 -30.71 -3.60 -1.73
CA PHE A 167 -31.81 -4.18 -2.53
C PHE A 167 -32.99 -4.41 -1.58
N ASP A 168 -34.18 -4.56 -2.14
CA ASP A 168 -35.39 -4.82 -1.32
C ASP A 168 -35.61 -6.34 -1.25
N ALA A 169 -35.32 -6.95 -0.09
CA ALA A 169 -35.46 -8.40 0.20
C ALA A 169 -36.92 -8.85 0.07
N ALA A 170 -37.88 -8.05 0.54
CA ALA A 170 -39.32 -8.38 0.42
C ALA A 170 -39.67 -8.54 -1.08
N ILE A 171 -39.18 -7.64 -1.93
CA ILE A 171 -39.46 -7.66 -3.39
C ILE A 171 -38.81 -8.93 -3.96
N LEU A 172 -37.56 -9.17 -3.62
CA LEU A 172 -36.80 -10.32 -4.17
C LEU A 172 -37.42 -11.63 -3.67
N ASP A 173 -37.72 -11.73 -2.40
CA ASP A 173 -38.39 -12.94 -1.86
C ASP A 173 -39.67 -13.23 -2.65
N ALA A 174 -40.55 -12.23 -2.81
CA ALA A 174 -41.87 -12.38 -3.46
C ALA A 174 -41.66 -12.81 -4.90
N GLU A 175 -40.67 -12.25 -5.59
CA GLU A 175 -40.45 -12.53 -7.02
C GLU A 175 -40.13 -14.01 -7.23
N PHE A 176 -39.47 -14.67 -6.29
CA PHE A 176 -39.02 -16.08 -6.43
C PHE A 176 -39.77 -17.00 -5.46
N GLY A 177 -40.77 -16.46 -4.75
CA GLY A 177 -41.60 -17.24 -3.80
C GLY A 177 -40.77 -17.87 -2.72
N LEU A 178 -39.79 -17.12 -2.19
CA LEU A 178 -38.79 -17.69 -1.27
C LEU A 178 -39.42 -17.97 0.09
N LYS A 179 -40.29 -17.08 0.59
CA LYS A 179 -40.94 -17.25 1.92
C LYS A 179 -41.63 -18.63 1.93
N GLU A 180 -42.39 -18.96 0.90
CA GLU A 180 -43.15 -20.24 0.79
C GLU A 180 -42.20 -21.41 0.80
N LYS A 181 -40.96 -21.20 0.36
CA LYS A 181 -39.95 -22.26 0.20
C LYS A 181 -39.06 -22.38 1.44
N GLY A 182 -39.20 -21.47 2.39
CA GLY A 182 -38.47 -21.46 3.68
C GLY A 182 -37.16 -20.67 3.62
N TYR A 183 -37.05 -19.68 2.72
CA TYR A 183 -35.79 -18.88 2.53
C TYR A 183 -36.09 -17.40 2.48
N THR A 184 -35.03 -16.61 2.67
CA THR A 184 -35.05 -15.14 2.58
C THR A 184 -33.70 -14.73 1.97
N SER A 185 -33.75 -13.82 1.00
CA SER A 185 -32.59 -13.27 0.28
C SER A 185 -31.80 -12.33 1.22
N LEU A 186 -30.47 -12.43 1.23
CA LEU A 186 -29.63 -11.60 2.13
C LEU A 186 -28.67 -10.75 1.31
N VAL A 187 -27.98 -11.34 0.34
CA VAL A 187 -26.90 -10.64 -0.42
C VAL A 187 -27.03 -11.06 -1.87
N VAL A 188 -26.85 -10.10 -2.77
CA VAL A 188 -26.84 -10.34 -4.24
C VAL A 188 -25.41 -10.10 -4.68
N VAL A 189 -24.85 -11.00 -5.50
CA VAL A 189 -23.47 -10.81 -6.00
C VAL A 189 -23.45 -11.00 -7.51
N PRO A 190 -23.49 -9.88 -8.27
CA PRO A 190 -23.23 -9.93 -9.69
C PRO A 190 -21.77 -10.32 -9.89
N VAL A 191 -21.53 -11.16 -10.89
CA VAL A 191 -20.20 -11.72 -11.30
C VAL A 191 -20.02 -11.55 -12.82
N GLY A 192 -18.84 -11.10 -13.24
CA GLY A 192 -18.56 -10.88 -14.66
C GLY A 192 -17.21 -10.23 -14.86
N HIS A 193 -17.13 -9.26 -15.78
CA HIS A 193 -15.92 -8.47 -16.09
C HIS A 193 -16.32 -6.99 -16.08
N HIS A 194 -15.54 -6.19 -15.40
CA HIS A 194 -15.80 -4.75 -15.24
C HIS A 194 -15.68 -4.09 -16.62
N SER A 195 -16.41 -3.00 -16.82
CA SER A 195 -16.35 -2.16 -18.03
C SER A 195 -15.44 -0.98 -17.73
N VAL A 196 -15.18 -0.13 -18.73
CA VAL A 196 -14.40 1.13 -18.55
C VAL A 196 -15.15 2.08 -17.61
N GLU A 197 -16.47 1.95 -17.42
CA GLU A 197 -17.26 2.87 -16.57
C GLU A 197 -17.04 2.54 -15.08
N ASP A 198 -16.21 1.55 -14.76
CA ASP A 198 -16.02 1.07 -13.36
C ASP A 198 -14.94 1.97 -12.72
N PHE A 199 -15.39 3.14 -12.24
CA PHE A 199 -14.57 4.14 -11.49
C PHE A 199 -13.73 3.41 -10.43
N ASN A 200 -14.31 2.37 -9.77
CA ASN A 200 -13.70 1.75 -8.56
C ASN A 200 -12.54 0.84 -8.93
N ALA A 201 -12.41 0.43 -10.20
CA ALA A 201 -11.31 -0.44 -10.67
C ALA A 201 -9.96 0.25 -10.45
N THR A 202 -9.92 1.58 -10.40
CA THR A 202 -8.62 2.34 -10.34
C THR A 202 -8.51 3.14 -9.04
N LEU A 203 -9.53 3.19 -8.18
CA LEU A 203 -9.40 3.88 -6.87
C LEU A 203 -8.54 3.01 -5.97
N PRO A 204 -7.67 3.60 -5.13
CA PRO A 204 -6.97 2.84 -4.10
C PRO A 204 -7.92 2.14 -3.11
N LYS A 205 -7.56 0.92 -2.70
CA LYS A 205 -8.25 0.17 -1.61
C LYS A 205 -7.96 0.90 -0.29
N SER A 206 -8.93 1.02 0.61
CA SER A 206 -8.72 1.73 1.90
C SER A 206 -9.17 0.83 3.04
N ARG A 207 -8.29 0.64 4.02
CA ARG A 207 -8.61 -0.08 5.28
C ARG A 207 -7.97 0.65 6.44
N LEU A 208 -8.58 0.53 7.61
CA LEU A 208 -7.99 1.00 8.89
C LEU A 208 -6.64 0.30 9.09
N PRO A 209 -5.69 0.98 9.76
CA PRO A 209 -4.44 0.34 10.16
C PRO A 209 -4.66 -0.80 11.17
N GLN A 210 -3.75 -1.78 11.15
CA GLN A 210 -3.71 -2.90 12.11
C GLN A 210 -3.50 -2.37 13.54
N ASN A 211 -2.84 -1.22 13.75
CA ASN A 211 -2.65 -0.76 15.15
C ASN A 211 -3.98 -0.25 15.71
N ILE A 212 -5.00 -0.02 14.89
CA ILE A 212 -6.39 0.16 15.43
C ILE A 212 -7.09 -1.18 15.61
N THR A 213 -7.04 -2.12 14.65
CA THR A 213 -8.01 -3.24 14.54
C THR A 213 -7.46 -4.56 15.08
N LEU A 214 -6.16 -4.68 15.27
CA LEU A 214 -5.52 -5.99 15.53
C LEU A 214 -4.59 -5.89 16.74
N THR A 215 -4.87 -6.70 17.74
CA THR A 215 -4.02 -6.89 18.93
C THR A 215 -3.24 -8.21 18.82
N GLU A 216 -1.94 -8.17 19.08
CA GLU A 216 -1.07 -9.37 19.16
C GLU A 216 -0.83 -9.70 20.63
N VAL A 217 -1.05 -10.95 21.07
CA VAL A 217 -0.77 -11.43 22.47
C VAL A 217 0.02 -12.77 22.49
CA MET B 1 36.53 15.00 -18.40
C MET B 1 35.76 14.27 -17.28
N ASP B 2 36.20 14.43 -16.02
CA ASP B 2 35.65 13.70 -14.85
C ASP B 2 34.33 14.32 -14.43
N ILE B 3 33.70 13.74 -13.40
CA ILE B 3 32.33 14.13 -12.98
C ILE B 3 32.40 15.51 -12.32
N ILE B 4 33.53 15.89 -11.75
CA ILE B 4 33.64 17.26 -11.13
C ILE B 4 33.58 18.31 -12.25
N SER B 5 34.26 18.07 -13.37
CA SER B 5 34.16 18.96 -14.56
C SER B 5 32.70 18.99 -14.99
N VAL B 6 32.00 17.87 -14.90
CA VAL B 6 30.59 17.86 -15.39
C VAL B 6 29.78 18.74 -14.46
N ALA B 7 29.91 18.57 -13.14
CA ALA B 7 29.17 19.36 -12.15
C ALA B 7 29.50 20.85 -12.30
N LEU B 8 30.74 21.19 -12.63
CA LEU B 8 31.11 22.63 -12.70
C LEU B 8 30.65 23.20 -14.03
N LYS B 9 30.40 22.39 -15.04
CA LYS B 9 30.17 22.93 -16.40
C LYS B 9 28.69 22.81 -16.77
N ARG B 10 27.90 22.00 -16.07
CA ARG B 10 26.45 21.92 -16.40
C ARG B 10 25.82 23.26 -16.03
N HIS B 11 24.66 23.56 -16.58
CA HIS B 11 23.93 24.77 -16.21
C HIS B 11 22.45 24.54 -16.50
N SER B 12 21.62 25.34 -15.88
CA SER B 12 20.16 25.37 -16.12
C SER B 12 19.96 26.10 -17.45
N THR B 13 19.63 25.33 -18.49
CA THR B 13 19.40 25.84 -19.86
C THR B 13 18.16 26.75 -19.88
N LYS B 14 18.30 27.95 -20.38
CA LYS B 14 17.16 28.90 -20.51
C LYS B 14 16.60 28.94 -21.94
N ALA B 15 17.22 28.32 -22.92
CA ALA B 15 16.67 28.25 -24.30
C ALA B 15 17.23 27.01 -24.99
N PHE B 16 16.35 26.22 -25.59
CA PHE B 16 16.71 24.97 -26.27
C PHE B 16 16.59 25.18 -27.77
N ASP B 17 17.47 24.51 -28.50
CA ASP B 17 17.42 24.38 -29.97
C ASP B 17 16.39 23.30 -30.32
N ALA B 18 15.28 23.71 -30.91
CA ALA B 18 14.17 22.81 -31.29
C ALA B 18 14.59 21.90 -32.45
N SER B 19 15.72 22.11 -33.14
CA SER B 19 16.17 21.23 -34.25
C SER B 19 17.02 20.06 -33.72
N LYS B 20 17.54 20.14 -32.50
CA LYS B 20 18.47 19.11 -31.95
C LYS B 20 17.74 18.19 -30.96
N LYS B 21 17.74 16.90 -31.29
CA LYS B 21 16.96 15.83 -30.62
C LYS B 21 17.94 14.87 -29.94
N LEU B 22 17.50 14.16 -28.91
CA LEU B 22 18.35 13.08 -28.36
C LEU B 22 18.48 12.02 -29.47
N THR B 23 19.59 11.29 -29.52
CA THR B 23 19.67 10.01 -30.26
C THR B 23 18.72 9.00 -29.61
N PRO B 24 18.31 7.92 -30.32
CA PRO B 24 17.47 6.87 -29.75
C PRO B 24 18.15 6.19 -28.55
N GLU B 25 19.48 6.11 -28.61
CA GLU B 25 20.37 5.63 -27.53
C GLU B 25 20.17 6.50 -26.27
N GLN B 26 20.29 7.82 -26.44
CA GLN B 26 20.16 8.82 -25.34
C GLN B 26 18.75 8.77 -24.75
N ALA B 27 17.72 8.59 -25.58
CA ALA B 27 16.30 8.48 -25.12
C ALA B 27 16.15 7.27 -24.19
N GLU B 28 16.82 6.16 -24.50
CA GLU B 28 16.80 4.96 -23.60
C GLU B 28 17.62 5.25 -22.33
N GLN B 29 18.75 5.93 -22.46
CA GLN B 29 19.66 6.24 -21.32
C GLN B 29 18.92 7.10 -20.30
N ILE B 30 18.14 8.11 -20.70
CA ILE B 30 17.48 9.00 -19.70
C ILE B 30 16.43 8.17 -18.94
N LYS B 31 15.77 7.21 -19.60
CA LYS B 31 14.76 6.36 -18.92
C LYS B 31 15.47 5.44 -17.90
N THR B 32 16.64 4.88 -18.25
CA THR B 32 17.45 4.07 -17.30
C THR B 32 17.76 4.93 -16.06
N LEU B 33 18.15 6.18 -16.24
CA LEU B 33 18.52 7.09 -15.12
C LEU B 33 17.33 7.23 -14.17
N LEU B 34 16.15 7.51 -14.73
CA LEU B 34 14.93 7.71 -13.92
C LEU B 34 14.65 6.41 -13.14
N GLN B 35 14.69 5.28 -13.83
CA GLN B 35 14.37 3.96 -13.20
C GLN B 35 15.31 3.64 -12.05
N TYR B 36 16.62 3.86 -12.21
CA TYR B 36 17.67 3.27 -11.33
C TYR B 36 18.10 4.22 -10.21
N SER B 37 17.48 5.40 -10.11
CA SER B 37 17.66 6.26 -8.91
C SER B 37 17.44 5.44 -7.65
N PRO B 38 18.26 5.67 -6.60
CA PRO B 38 17.95 5.16 -5.26
C PRO B 38 16.76 5.91 -4.64
N SER B 39 16.25 5.35 -3.55
CA SER B 39 15.09 5.88 -2.80
C SER B 39 15.05 5.17 -1.45
N SER B 40 14.52 5.85 -0.44
CA SER B 40 14.39 5.30 0.94
C SER B 40 13.63 3.99 0.84
N THR B 41 14.22 2.93 1.37
CA THR B 41 13.65 1.54 1.42
C THR B 41 13.40 1.01 -0.01
N ASN B 42 14.01 1.61 -1.05
CA ASN B 42 13.74 1.24 -2.47
C ASN B 42 12.24 1.43 -2.75
N SER B 43 11.60 2.38 -2.08
CA SER B 43 10.12 2.57 -2.15
C SER B 43 9.73 3.01 -3.55
N GLN B 44 10.63 3.64 -4.30
CA GLN B 44 10.39 4.05 -5.71
C GLN B 44 9.01 4.71 -5.81
N PRO B 45 8.72 5.75 -5.01
CA PRO B 45 7.34 6.22 -4.89
C PRO B 45 7.00 7.24 -5.99
N TRP B 46 7.10 6.84 -7.24
CA TRP B 46 7.22 7.78 -8.36
C TRP B 46 6.61 7.23 -9.66
N HIS B 47 6.22 8.19 -10.51
CA HIS B 47 5.87 8.01 -11.94
C HIS B 47 6.58 9.11 -12.73
N PHE B 48 6.98 8.77 -13.95
CA PHE B 48 7.60 9.71 -14.91
C PHE B 48 6.69 9.77 -16.11
N ILE B 49 6.40 10.97 -16.56
CA ILE B 49 5.88 11.18 -17.94
C ILE B 49 7.05 11.65 -18.78
N VAL B 50 7.38 10.91 -19.84
CA VAL B 50 8.46 11.32 -20.79
C VAL B 50 7.79 11.73 -22.10
N ALA B 51 7.68 13.03 -22.29
CA ALA B 51 7.04 13.63 -23.48
C ALA B 51 8.12 13.84 -24.55
N SER B 52 7.96 13.20 -25.71
CA SER B 52 8.86 13.33 -26.86
C SER B 52 8.08 13.70 -28.13
N THR B 53 6.76 13.54 -28.16
CA THR B 53 5.96 14.00 -29.32
C THR B 53 5.66 15.49 -29.15
N GLU B 54 5.32 16.16 -30.24
CA GLU B 54 4.99 17.60 -30.19
C GLU B 54 3.72 17.75 -29.35
N GLU B 55 2.75 16.84 -29.50
CA GLU B 55 1.51 16.87 -28.71
C GLU B 55 1.80 16.71 -27.20
N GLY B 56 2.58 15.69 -26.80
CA GLY B 56 2.91 15.42 -25.38
C GLY B 56 3.59 16.61 -24.73
N LYS B 57 4.56 17.21 -25.40
CA LYS B 57 5.31 18.38 -24.87
C LYS B 57 4.33 19.55 -24.71
N ALA B 58 3.44 19.74 -25.68
CA ALA B 58 2.48 20.85 -25.63
C ALA B 58 1.50 20.60 -24.48
N ARG B 59 1.13 19.34 -24.22
CA ARG B 59 0.23 19.03 -23.09
C ARG B 59 0.91 19.36 -21.75
N VAL B 60 2.20 19.06 -21.61
CA VAL B 60 2.95 19.44 -20.38
C VAL B 60 3.05 20.96 -20.28
N ALA B 61 3.32 21.63 -21.40
CA ALA B 61 3.58 23.08 -21.47
C ALA B 61 2.33 23.87 -21.07
N LYS B 62 1.16 23.24 -21.12
CA LYS B 62 -0.08 23.89 -20.62
C LYS B 62 0.10 24.31 -19.17
N SER B 63 0.91 23.59 -18.40
CA SER B 63 1.12 23.86 -16.94
C SER B 63 1.80 25.21 -16.72
N ALA B 64 2.51 25.72 -17.73
CA ALA B 64 3.37 26.91 -17.61
C ALA B 64 2.70 28.14 -18.23
N ALA B 65 1.58 28.02 -18.93
CA ALA B 65 0.93 29.15 -19.66
C ALA B 65 0.51 30.25 -18.67
N GLY B 66 0.35 31.51 -19.12
CA GLY B 66 0.05 32.65 -18.23
C GLY B 66 1.22 32.99 -17.31
N ASN B 67 1.23 32.46 -16.08
CA ASN B 67 2.14 32.92 -14.99
C ASN B 67 3.59 32.41 -15.11
N TYR B 68 3.91 31.52 -16.06
CA TYR B 68 5.23 30.85 -16.10
C TYR B 68 5.71 30.73 -17.55
N VAL B 69 5.46 31.76 -18.38
CA VAL B 69 5.71 31.79 -19.85
C VAL B 69 7.14 31.41 -20.22
N ALA B 70 8.15 31.93 -19.50
CA ALA B 70 9.58 31.62 -19.79
C ALA B 70 9.77 30.11 -19.70
N ASN B 71 9.12 29.50 -18.70
CA ASN B 71 9.19 28.03 -18.53
C ASN B 71 8.45 27.33 -19.67
N GLU B 72 7.40 27.94 -20.25
CA GLU B 72 6.62 27.29 -21.32
C GLU B 72 7.49 27.00 -22.56
N ARG B 73 8.27 27.97 -23.01
CA ARG B 73 9.10 27.79 -24.22
C ARG B 73 10.12 26.68 -23.98
N LYS B 74 10.72 26.59 -22.79
CA LYS B 74 11.70 25.50 -22.51
C LYS B 74 11.05 24.14 -22.75
N MET B 75 9.83 23.97 -22.29
CA MET B 75 9.09 22.69 -22.42
C MET B 75 8.70 22.41 -23.89
N LEU B 76 8.48 23.45 -24.72
CA LEU B 76 8.09 23.26 -26.16
C LEU B 76 9.34 23.02 -27.00
N ASP B 77 10.48 23.63 -26.67
CA ASP B 77 11.66 23.62 -27.60
C ASP B 77 12.59 22.45 -27.30
N ALA B 78 12.53 21.89 -26.10
CA ALA B 78 13.45 20.78 -25.74
C ALA B 78 13.05 19.53 -26.54
N SER B 79 13.98 18.58 -26.65
CA SER B 79 13.77 17.31 -27.37
C SER B 79 12.81 16.42 -26.59
N HIS B 80 13.07 16.22 -25.29
CA HIS B 80 12.29 15.34 -24.40
C HIS B 80 12.00 16.11 -23.12
N VAL B 81 10.80 15.96 -22.57
CA VAL B 81 10.40 16.67 -21.33
C VAL B 81 9.95 15.62 -20.32
N VAL B 82 10.61 15.57 -19.16
CA VAL B 82 10.29 14.57 -18.12
C VAL B 82 9.48 15.24 -17.03
N VAL B 83 8.31 14.68 -16.70
CA VAL B 83 7.53 15.09 -15.51
C VAL B 83 7.81 14.08 -14.40
N PHE B 84 8.43 14.54 -13.31
CA PHE B 84 8.64 13.77 -12.08
C PHE B 84 7.39 13.90 -11.25
N CYS B 85 6.77 12.78 -10.88
CA CYS B 85 5.53 12.67 -10.08
C CYS B 85 5.78 11.81 -8.84
N ALA B 86 5.24 12.23 -7.70
CA ALA B 86 5.23 11.42 -6.46
C ALA B 86 3.88 10.71 -6.35
N LYS B 87 3.85 9.52 -5.74
CA LYS B 87 2.60 8.92 -5.21
C LYS B 87 2.02 9.90 -4.18
N THR B 88 0.70 10.02 -4.16
CA THR B 88 -0.03 10.85 -3.18
C THR B 88 -0.24 10.08 -1.87
N ALA B 89 -0.16 8.75 -1.87
CA ALA B 89 -0.28 7.95 -0.63
C ALA B 89 0.53 6.67 -0.78
N MET B 90 1.16 6.18 0.27
CA MET B 90 1.92 4.91 0.20
C MET B 90 0.93 3.80 0.55
N ASP B 91 0.58 2.96 -0.42
CA ASP B 91 -0.42 1.86 -0.27
C ASP B 91 0.29 0.50 -0.20
N ASP B 92 -0.43 -0.50 0.28
CA ASP B 92 0.16 -1.85 0.46
C ASP B 92 0.35 -2.51 -0.89
N VAL B 93 -0.42 -2.22 -1.93
CA VAL B 93 -0.14 -2.95 -3.20
C VAL B 93 1.24 -2.50 -3.72
N TRP B 94 1.57 -1.20 -3.60
CA TRP B 94 2.89 -0.68 -4.03
C TRP B 94 4.00 -1.40 -3.25
N LEU B 95 3.87 -1.48 -1.93
CA LEU B 95 4.95 -2.08 -1.10
C LEU B 95 5.14 -3.53 -1.54
N LYS B 96 4.06 -4.22 -1.86
CA LYS B 96 4.13 -5.65 -2.27
C LYS B 96 4.72 -5.76 -3.68
N LEU B 97 4.38 -4.85 -4.60
CA LEU B 97 5.04 -4.78 -5.94
C LEU B 97 6.55 -4.71 -5.75
N VAL B 98 7.00 -3.82 -4.87
CA VAL B 98 8.45 -3.58 -4.70
C VAL B 98 9.12 -4.85 -4.12
N VAL B 99 8.55 -5.45 -3.08
CA VAL B 99 9.23 -6.62 -2.44
C VAL B 99 9.19 -7.81 -3.39
N ASP B 100 8.10 -7.99 -4.16
CA ASP B 100 7.97 -9.10 -5.12
C ASP B 100 8.94 -8.91 -6.28
N GLN B 101 9.21 -7.67 -6.67
CA GLN B 101 10.22 -7.37 -7.72
C GLN B 101 11.61 -7.70 -7.18
N GLU B 102 11.94 -7.34 -5.94
CA GLU B 102 13.25 -7.67 -5.30
C GLU B 102 13.41 -9.20 -5.25
N ASP B 103 12.33 -9.90 -4.94
CA ASP B 103 12.29 -11.38 -4.90
C ASP B 103 12.52 -11.90 -6.32
N ALA B 104 11.79 -11.43 -7.33
CA ALA B 104 12.05 -11.82 -8.76
C ALA B 104 13.50 -11.53 -9.16
N ASP B 105 14.15 -10.50 -8.62
CA ASP B 105 15.54 -10.15 -8.99
C ASP B 105 16.51 -11.00 -8.16
N GLY B 106 16.00 -11.82 -7.22
CA GLY B 106 16.79 -12.80 -6.45
C GLY B 106 17.47 -12.18 -5.24
N ARG B 107 17.01 -11.05 -4.71
CA ARG B 107 17.73 -10.35 -3.61
C ARG B 107 17.55 -11.08 -2.27
N TYR B 108 16.61 -12.01 -2.15
CA TYR B 108 16.30 -12.65 -0.85
C TYR B 108 16.74 -14.11 -0.92
N ALA B 109 17.60 -14.50 0.02
CA ALA B 109 18.13 -15.87 0.20
C ALA B 109 17.00 -16.81 0.66
N THR B 110 16.11 -16.32 1.51
CA THR B 110 15.07 -17.13 2.20
C THR B 110 13.76 -16.34 2.23
N PRO B 111 12.57 -16.99 2.38
CA PRO B 111 11.35 -16.25 2.73
C PRO B 111 11.54 -15.39 3.99
N GLU B 112 12.39 -15.80 4.94
CA GLU B 112 12.58 -15.06 6.23
C GLU B 112 13.28 -13.73 5.91
N ALA B 113 14.28 -13.73 5.02
CA ALA B 113 14.97 -12.47 4.58
C ALA B 113 13.94 -11.57 3.87
N LYS B 114 13.11 -12.13 2.99
CA LYS B 114 12.04 -11.34 2.31
C LYS B 114 11.12 -10.68 3.36
N ALA B 115 10.64 -11.45 4.34
CA ALA B 115 9.67 -10.98 5.35
C ALA B 115 10.29 -9.87 6.21
N ALA B 116 11.54 -10.05 6.65
CA ALA B 116 12.29 -9.07 7.47
C ALA B 116 12.40 -7.76 6.69
N ASN B 117 12.69 -7.82 5.40
CA ASN B 117 12.89 -6.60 4.57
C ASN B 117 11.53 -5.93 4.39
N ASP B 118 10.52 -6.74 4.07
CA ASP B 118 9.12 -6.25 3.98
C ASP B 118 8.75 -5.53 5.29
N LYS B 119 9.04 -6.14 6.46
CA LYS B 119 8.66 -5.61 7.80
C LYS B 119 9.47 -4.34 8.07
N GLY B 120 10.77 -4.34 7.74
CA GLY B 120 11.64 -3.14 7.84
C GLY B 120 11.17 -1.98 6.98
N ARG B 121 10.70 -2.25 5.74
CA ARG B 121 10.19 -1.18 4.84
C ARG B 121 8.91 -0.60 5.48
N LYS B 122 8.06 -1.48 5.99
CA LYS B 122 6.76 -1.07 6.58
C LYS B 122 7.04 -0.24 7.84
N PHE B 123 8.15 -0.47 8.54
CA PHE B 123 8.53 0.34 9.72
C PHE B 123 8.62 1.81 9.32
N PHE B 124 9.50 2.12 8.38
CA PHE B 124 9.71 3.52 7.89
C PHE B 124 8.39 4.02 7.30
N ALA B 125 7.73 3.23 6.43
CA ALA B 125 6.51 3.69 5.72
C ALA B 125 5.45 4.10 6.76
N ASP B 126 5.27 3.28 7.81
CA ASP B 126 4.25 3.48 8.89
C ASP B 126 4.61 4.67 9.77
N MET B 127 5.91 4.83 10.07
CA MET B 127 6.45 6.05 10.74
C MET B 127 5.92 7.31 10.04
N HIS B 128 5.99 7.37 8.72
CA HIS B 128 5.57 8.56 7.93
C HIS B 128 4.05 8.60 7.83
N ARG B 129 3.39 7.48 7.54
CA ARG B 129 1.92 7.40 7.27
C ARG B 129 1.13 7.74 8.54
N LYS B 130 1.68 7.52 9.76
CA LYS B 130 0.88 7.59 11.01
C LYS B 130 1.54 8.46 12.10
N ASP B 131 2.72 8.10 12.60
CA ASP B 131 3.42 8.85 13.68
C ASP B 131 3.59 10.32 13.27
N LEU B 132 3.92 10.59 12.00
CA LEU B 132 4.30 11.92 11.46
C LEU B 132 3.19 12.48 10.55
N HIS B 133 2.40 11.63 9.88
CA HIS B 133 1.40 12.04 8.87
C HIS B 133 2.08 12.91 7.78
N ASP B 134 3.28 12.53 7.32
CA ASP B 134 4.11 13.29 6.36
C ASP B 134 4.54 12.40 5.19
N ASP B 135 3.85 11.29 4.91
CA ASP B 135 4.34 10.33 3.87
C ASP B 135 4.24 10.98 2.49
N ALA B 136 3.30 11.91 2.25
CA ALA B 136 3.26 12.66 0.98
C ALA B 136 4.57 13.43 0.83
N GLU B 137 5.05 14.08 1.90
CA GLU B 137 6.32 14.86 1.84
C GLU B 137 7.53 13.91 1.74
N TRP B 138 7.48 12.79 2.48
CA TRP B 138 8.57 11.78 2.47
C TRP B 138 8.74 11.22 1.03
N MET B 139 7.64 10.91 0.37
CA MET B 139 7.70 10.42 -1.04
C MET B 139 8.20 11.52 -1.98
N ALA B 140 7.76 12.78 -1.81
CA ALA B 140 8.16 13.91 -2.66
C ALA B 140 9.67 14.09 -2.54
N LYS B 141 10.22 13.94 -1.33
CA LYS B 141 11.68 14.02 -1.09
C LYS B 141 12.45 12.94 -1.87
N GLN B 142 11.92 11.72 -2.00
CA GLN B 142 12.57 10.65 -2.81
C GLN B 142 12.56 11.06 -4.29
N VAL B 143 11.51 11.72 -4.74
CA VAL B 143 11.39 12.16 -6.16
C VAL B 143 12.42 13.27 -6.41
N TYR B 144 12.61 14.20 -5.48
CA TYR B 144 13.65 15.25 -5.64
C TYR B 144 15.06 14.64 -5.66
N LEU B 145 15.29 13.61 -4.86
CA LEU B 145 16.59 12.89 -4.91
C LEU B 145 16.78 12.39 -6.35
N ASN B 146 15.75 11.78 -6.92
CA ASN B 146 15.78 11.26 -8.31
C ASN B 146 16.15 12.41 -9.27
N VAL B 147 15.53 13.57 -9.09
CA VAL B 147 15.82 14.73 -9.96
C VAL B 147 17.31 15.07 -9.84
N GLY B 148 17.86 15.10 -8.64
CA GLY B 148 19.28 15.43 -8.41
C GLY B 148 20.21 14.48 -9.18
N ASN B 149 19.93 13.19 -9.08
CA ASN B 149 20.63 12.09 -9.81
C ASN B 149 20.50 12.35 -11.33
N PHE B 150 19.28 12.64 -11.76
CA PHE B 150 18.92 12.82 -13.19
C PHE B 150 19.72 13.99 -13.77
N LEU B 151 19.78 15.14 -13.09
CA LEU B 151 20.39 16.36 -13.68
C LEU B 151 21.87 16.12 -13.92
N LEU B 152 22.57 15.47 -12.98
CA LEU B 152 24.02 15.20 -13.10
C LEU B 152 24.20 14.16 -14.19
N GLY B 153 23.37 13.12 -14.20
CA GLY B 153 23.41 12.04 -15.19
C GLY B 153 23.26 12.59 -16.61
N VAL B 154 22.25 13.41 -16.89
CA VAL B 154 22.06 13.92 -18.28
C VAL B 154 23.22 14.86 -18.63
N ALA B 155 23.74 15.66 -17.69
CA ALA B 155 24.93 16.45 -17.97
C ALA B 155 26.10 15.51 -18.36
N ALA B 156 26.31 14.39 -17.70
CA ALA B 156 27.44 13.48 -17.99
C ALA B 156 27.18 12.77 -19.33
N LEU B 157 25.95 12.72 -19.81
CA LEU B 157 25.62 12.16 -21.14
C LEU B 157 25.88 13.21 -22.22
N GLY B 158 26.26 14.41 -21.82
CA GLY B 158 26.53 15.54 -22.73
C GLY B 158 25.25 16.19 -23.19
N LEU B 159 24.21 16.20 -22.36
CA LEU B 159 22.91 16.83 -22.71
C LEU B 159 22.66 18.05 -21.83
N ASP B 160 21.92 19.02 -22.40
CA ASP B 160 21.45 20.20 -21.65
C ASP B 160 20.11 19.87 -20.98
N ALA B 161 19.87 20.47 -19.82
CA ALA B 161 18.59 20.28 -19.11
C ALA B 161 18.33 21.50 -18.23
N VAL B 162 17.08 21.67 -17.80
CA VAL B 162 16.71 22.65 -16.76
C VAL B 162 15.62 22.03 -15.89
N PRO B 163 15.79 22.03 -14.56
CA PRO B 163 14.72 21.66 -13.65
C PRO B 163 13.71 22.81 -13.48
N ILE B 164 12.43 22.50 -13.43
CA ILE B 164 11.34 23.53 -13.40
C ILE B 164 10.39 23.24 -12.23
N GLU B 165 10.35 24.17 -11.28
CA GLU B 165 9.27 24.22 -10.25
C GLU B 165 8.19 25.23 -10.64
N GLY B 166 8.50 26.14 -11.57
CA GLY B 166 7.61 27.22 -12.02
C GLY B 166 6.60 26.75 -13.03
N PHE B 167 5.60 26.00 -12.58
CA PHE B 167 4.52 25.45 -13.43
C PHE B 167 3.34 25.21 -12.49
N ASP B 168 2.15 25.04 -13.04
CA ASP B 168 0.92 24.84 -12.26
C ASP B 168 0.66 23.35 -12.20
N ALA B 169 0.94 22.74 -11.05
CA ALA B 169 0.78 21.28 -10.83
C ALA B 169 -0.70 20.89 -10.88
N ALA B 170 -1.65 21.74 -10.47
CA ALA B 170 -3.10 21.45 -10.61
C ALA B 170 -3.44 21.26 -12.08
N ILE B 171 -2.91 22.11 -12.96
CA ILE B 171 -3.14 22.02 -14.43
C ILE B 171 -2.46 20.76 -14.98
N LEU B 172 -1.21 20.49 -14.61
CA LEU B 172 -0.46 19.34 -15.19
C LEU B 172 -1.16 18.07 -14.72
N ASP B 173 -1.55 18.01 -13.45
CA ASP B 173 -2.21 16.79 -12.87
C ASP B 173 -3.49 16.51 -13.66
N ALA B 174 -4.39 17.48 -13.77
CA ALA B 174 -5.65 17.41 -14.55
C ALA B 174 -5.35 16.98 -15.99
N GLU B 175 -4.32 17.55 -16.64
CA GLU B 175 -4.05 17.27 -18.07
C GLU B 175 -3.77 15.77 -18.26
N PHE B 176 -3.13 15.11 -17.31
CA PHE B 176 -2.71 13.71 -17.49
C PHE B 176 -3.56 12.82 -16.58
N GLY B 177 -4.53 13.36 -15.85
CA GLY B 177 -5.37 12.59 -14.91
C GLY B 177 -4.56 11.92 -13.81
N LEU B 178 -3.54 12.62 -13.28
CA LEU B 178 -2.56 12.01 -12.35
C LEU B 178 -3.21 11.75 -10.98
N LYS B 179 -3.99 12.71 -10.48
CA LYS B 179 -4.65 12.64 -9.14
C LYS B 179 -5.52 11.37 -9.08
N GLU B 180 -6.34 11.13 -10.10
CA GLU B 180 -7.23 9.93 -10.10
C GLU B 180 -6.40 8.65 -10.22
N LYS B 181 -5.14 8.73 -10.62
CA LYS B 181 -4.25 7.55 -10.70
C LYS B 181 -3.31 7.45 -9.49
N GLY B 182 -3.30 8.41 -8.57
CA GLY B 182 -2.52 8.31 -7.32
C GLY B 182 -1.15 8.99 -7.38
N TYR B 183 -1.00 10.01 -8.24
CA TYR B 183 0.27 10.74 -8.42
C TYR B 183 0.01 12.24 -8.47
N THR B 184 1.05 13.03 -8.23
CA THR B 184 1.02 14.49 -8.35
C THR B 184 2.39 14.89 -8.92
N SER B 185 2.37 15.83 -9.87
CA SER B 185 3.56 16.33 -10.60
C SER B 185 4.36 17.25 -9.68
N LEU B 186 5.69 17.15 -9.63
CA LEU B 186 6.51 17.97 -8.70
C LEU B 186 7.52 18.84 -9.47
N VAL B 187 8.21 18.25 -10.44
CA VAL B 187 9.29 18.92 -11.20
C VAL B 187 9.15 18.52 -12.66
N VAL B 188 9.35 19.49 -13.53
CA VAL B 188 9.46 19.24 -14.99
C VAL B 188 10.92 19.48 -15.39
N VAL B 189 11.49 18.55 -16.16
CA VAL B 189 12.86 18.72 -16.66
C VAL B 189 12.87 18.53 -18.18
N PRO B 190 12.91 19.62 -18.94
CA PRO B 190 13.24 19.52 -20.36
C PRO B 190 14.72 19.14 -20.54
N VAL B 191 14.97 18.32 -21.54
CA VAL B 191 16.30 17.78 -21.89
C VAL B 191 16.51 17.96 -23.39
N GLY B 192 17.67 18.45 -23.78
CA GLY B 192 18.04 18.57 -25.20
C GLY B 192 19.38 19.22 -25.38
N HIS B 193 19.44 20.24 -26.24
CA HIS B 193 20.66 21.00 -26.57
C HIS B 193 20.30 22.49 -26.57
N HIS B 194 21.12 23.27 -25.91
CA HIS B 194 20.86 24.71 -25.69
C HIS B 194 21.04 25.41 -27.03
N SER B 195 20.29 26.48 -27.28
CA SER B 195 20.47 27.34 -28.48
C SER B 195 21.41 28.50 -28.15
N VAL B 196 21.82 29.27 -29.18
CA VAL B 196 22.66 30.50 -29.02
C VAL B 196 21.93 31.47 -28.09
N GLU B 197 20.60 31.44 -28.02
CA GLU B 197 19.77 32.37 -27.21
C GLU B 197 19.85 32.05 -25.71
N ASP B 198 20.51 30.96 -25.30
CA ASP B 198 20.58 30.58 -23.87
C ASP B 198 21.60 31.48 -23.18
N PHE B 199 21.13 32.60 -22.62
CA PHE B 199 21.97 33.60 -21.92
C PHE B 199 22.80 32.93 -20.80
N ASN B 200 22.27 31.86 -20.21
CA ASN B 200 22.82 31.26 -18.98
C ASN B 200 24.00 30.36 -19.34
N ALA B 201 24.12 29.96 -20.59
CA ALA B 201 25.25 29.12 -21.08
C ALA B 201 26.58 29.86 -20.91
N THR B 202 26.59 31.21 -20.81
CA THR B 202 27.84 32.04 -20.78
C THR B 202 27.94 32.82 -19.47
N LEU B 203 27.09 32.51 -18.49
CA LEU B 203 27.17 33.20 -17.19
C LEU B 203 27.91 32.27 -16.25
N PRO B 204 28.68 32.82 -15.29
CA PRO B 204 29.41 31.98 -14.34
C PRO B 204 28.45 31.33 -13.34
N LYS B 205 28.83 30.14 -12.90
CA LYS B 205 28.08 29.39 -11.88
C LYS B 205 28.30 30.10 -10.55
N SER B 206 27.27 30.33 -9.73
CA SER B 206 27.47 31.02 -8.44
C SER B 206 27.02 30.12 -7.30
N ARG B 207 27.88 29.96 -6.31
CA ARG B 207 27.53 29.25 -5.06
C ARG B 207 28.11 30.04 -3.90
N LEU B 208 27.44 29.96 -2.76
CA LEU B 208 27.97 30.36 -1.45
C LEU B 208 29.28 29.62 -1.18
N PRO B 209 30.25 30.29 -0.51
CA PRO B 209 31.51 29.66 -0.14
C PRO B 209 31.31 28.59 0.95
N GLN B 210 32.20 27.60 0.93
CA GLN B 210 32.16 26.48 1.90
C GLN B 210 32.38 27.03 3.31
N ASN B 211 33.03 28.18 3.47
CA ASN B 211 33.27 28.76 4.81
C ASN B 211 31.92 29.19 5.42
N ILE B 212 30.86 29.34 4.63
CA ILE B 212 29.49 29.55 5.17
C ILE B 212 28.76 28.21 5.33
N THR B 213 28.80 27.35 4.32
CA THR B 213 27.87 26.20 4.19
C THR B 213 28.42 24.89 4.73
N LEU B 214 29.71 24.76 4.98
CA LEU B 214 30.30 23.44 5.28
C LEU B 214 31.19 23.51 6.53
N THR B 215 30.91 22.63 7.49
CA THR B 215 31.70 22.47 8.72
C THR B 215 32.49 21.16 8.66
N GLU B 216 33.82 21.19 8.85
CA GLU B 216 34.70 19.97 8.93
C GLU B 216 34.93 19.65 10.41
N VAL B 217 34.79 18.37 10.80
CA VAL B 217 34.98 17.85 12.21
C VAL B 217 35.71 16.48 12.23
N MET C 1 -1.77 -25.01 -7.34
CA MET C 1 -3.13 -25.05 -6.70
C MET C 1 -3.98 -23.89 -7.27
N ASP C 2 -4.95 -24.18 -8.16
CA ASP C 2 -6.02 -23.21 -8.51
C ASP C 2 -7.00 -23.15 -7.32
N ILE C 3 -7.79 -22.08 -7.23
CA ILE C 3 -8.57 -21.79 -6.01
C ILE C 3 -9.69 -22.83 -5.83
N ILE C 4 -10.20 -23.42 -6.90
CA ILE C 4 -11.24 -24.49 -6.76
C ILE C 4 -10.60 -25.72 -6.12
N SER C 5 -9.37 -26.09 -6.49
CA SER C 5 -8.63 -27.18 -5.79
C SER C 5 -8.47 -26.81 -4.33
N VAL C 6 -8.17 -25.55 -4.02
CA VAL C 6 -7.99 -25.12 -2.60
C VAL C 6 -9.31 -25.33 -1.86
N ALA C 7 -10.42 -24.90 -2.43
CA ALA C 7 -11.77 -24.97 -1.82
C ALA C 7 -12.15 -26.43 -1.57
N LEU C 8 -11.79 -27.31 -2.50
CA LEU C 8 -12.17 -28.74 -2.45
C LEU C 8 -11.21 -29.52 -1.54
N LYS C 9 -10.03 -29.03 -1.21
CA LYS C 9 -9.06 -29.83 -0.44
C LYS C 9 -8.90 -29.25 0.98
N ARG C 10 -9.29 -28.01 1.24
CA ARG C 10 -9.23 -27.44 2.61
C ARG C 10 -10.22 -28.19 3.50
N HIS C 11 -10.02 -28.20 4.80
CA HIS C 11 -10.90 -28.91 5.74
C HIS C 11 -10.77 -28.23 7.11
N SER C 12 -11.77 -28.41 7.97
CA SER C 12 -11.72 -28.02 9.39
C SER C 12 -10.77 -28.96 10.16
N THR C 13 -9.58 -28.48 10.51
CA THR C 13 -8.57 -29.27 11.24
C THR C 13 -9.14 -29.61 12.62
N LYS C 14 -9.12 -30.88 13.00
CA LYS C 14 -9.59 -31.29 14.34
C LYS C 14 -8.44 -31.39 15.35
N ALA C 15 -7.18 -31.34 14.93
CA ALA C 15 -6.02 -31.45 15.84
C ALA C 15 -4.82 -30.79 15.17
N PHE C 16 -4.09 -29.98 15.92
CA PHE C 16 -2.93 -29.24 15.38
C PHE C 16 -1.65 -29.82 15.94
N ASP C 17 -0.60 -29.74 15.13
CA ASP C 17 0.79 -30.10 15.50
C ASP C 17 1.40 -28.87 16.16
N ALA C 18 1.56 -28.96 17.47
CA ALA C 18 1.98 -27.81 18.30
C ALA C 18 3.44 -27.43 18.05
N SER C 19 4.23 -28.26 17.35
CA SER C 19 5.66 -27.99 17.02
C SER C 19 5.80 -27.25 15.68
N LYS C 20 4.72 -27.15 14.91
CA LYS C 20 4.77 -26.53 13.56
C LYS C 20 4.22 -25.12 13.63
N LYS C 21 5.06 -24.13 13.41
CA LYS C 21 4.71 -22.70 13.55
C LYS C 21 4.58 -22.09 12.17
N LEU C 22 3.78 -21.02 12.09
CA LEU C 22 3.79 -20.14 10.90
C LEU C 22 5.20 -19.57 10.72
N THR C 23 5.66 -19.45 9.48
CA THR C 23 6.86 -18.65 9.17
C THR C 23 6.57 -17.18 9.41
N PRO C 24 7.63 -16.34 9.56
CA PRO C 24 7.42 -14.90 9.68
C PRO C 24 6.60 -14.31 8.53
N GLU C 25 6.85 -14.78 7.31
CA GLU C 25 6.07 -14.34 6.14
C GLU C 25 4.58 -14.66 6.38
N GLN C 26 4.27 -15.91 6.75
CA GLN C 26 2.88 -16.37 6.93
C GLN C 26 2.21 -15.55 8.03
N ALA C 27 2.92 -15.21 9.10
CA ALA C 27 2.36 -14.45 10.24
C ALA C 27 1.91 -13.07 9.74
N GLU C 28 2.67 -12.44 8.84
CA GLU C 28 2.29 -11.15 8.24
C GLU C 28 1.14 -11.37 7.26
N GLN C 29 1.19 -12.40 6.45
CA GLN C 29 0.16 -12.66 5.42
C GLN C 29 -1.21 -12.82 6.09
N ILE C 30 -1.31 -13.54 7.21
CA ILE C 30 -2.66 -13.80 7.79
C ILE C 30 -3.21 -12.47 8.30
N LYS C 31 -2.36 -11.55 8.74
CA LYS C 31 -2.84 -10.23 9.26
C LYS C 31 -3.33 -9.36 8.09
N THR C 32 -2.65 -9.40 6.94
CA THR C 32 -3.13 -8.74 5.69
C THR C 32 -4.53 -9.25 5.36
N LEU C 33 -4.75 -10.56 5.40
CA LEU C 33 -6.06 -11.12 5.02
C LEU C 33 -7.12 -10.56 5.96
N LEU C 34 -6.83 -10.50 7.26
CA LEU C 34 -7.82 -9.98 8.25
C LEU C 34 -8.21 -8.55 7.87
N GLN C 35 -7.21 -7.72 7.60
CA GLN C 35 -7.38 -6.27 7.38
C GLN C 35 -8.16 -5.98 6.08
N TYR C 36 -7.88 -6.70 5.00
CA TYR C 36 -8.31 -6.34 3.62
C TYR C 36 -9.62 -7.04 3.23
N SER C 37 -10.25 -7.76 4.15
CA SER C 37 -11.62 -8.30 3.94
C SER C 37 -12.54 -7.15 3.55
N PRO C 38 -13.45 -7.37 2.58
CA PRO C 38 -14.48 -6.37 2.34
C PRO C 38 -15.51 -6.39 3.48
N SER C 39 -16.41 -5.40 3.47
CA SER C 39 -17.46 -5.22 4.49
C SER C 39 -18.45 -4.20 3.91
N SER C 40 -19.73 -4.32 4.28
CA SER C 40 -20.78 -3.35 3.92
C SER C 40 -20.32 -1.92 4.21
N THR C 41 -20.34 -1.07 3.20
CA THR C 41 -19.95 0.37 3.23
C THR C 41 -18.50 0.53 3.67
N ASN C 42 -17.67 -0.52 3.58
CA ASN C 42 -16.29 -0.45 4.10
C ASN C 42 -16.33 -0.12 5.60
N SER C 43 -17.36 -0.58 6.30
CA SER C 43 -17.61 -0.24 7.71
C SER C 43 -16.53 -0.87 8.62
N GLN C 44 -15.90 -1.98 8.19
CA GLN C 44 -14.83 -2.65 8.97
C GLN C 44 -15.15 -2.72 10.47
N PRO C 45 -16.31 -3.25 10.86
CA PRO C 45 -16.79 -3.12 12.24
C PRO C 45 -16.25 -4.21 13.14
N TRP C 46 -14.93 -4.32 13.21
CA TRP C 46 -14.27 -5.53 13.76
C TRP C 46 -13.00 -5.21 14.50
N HIS C 47 -12.63 -6.12 15.38
CA HIS C 47 -11.29 -6.19 16.03
C HIS C 47 -10.81 -7.64 15.94
N PHE C 48 -9.51 -7.85 15.79
CA PHE C 48 -8.89 -9.19 15.78
C PHE C 48 -7.89 -9.27 16.93
N ILE C 49 -7.96 -10.34 17.68
CA ILE C 49 -6.87 -10.75 18.60
C ILE C 49 -6.13 -11.91 17.93
N VAL C 50 -4.83 -11.75 17.73
CA VAL C 50 -3.96 -12.81 17.17
C VAL C 50 -3.04 -13.26 18.27
N ALA C 51 -3.32 -14.46 18.81
CA ALA C 51 -2.56 -15.07 19.92
C ALA C 51 -1.54 -16.03 19.32
N SER C 52 -0.25 -15.79 19.54
CA SER C 52 0.85 -16.68 19.05
C SER C 52 1.81 -17.08 20.18
N THR C 53 1.80 -16.43 21.34
CA THR C 53 2.58 -16.88 22.53
C THR C 53 1.81 -18.00 23.26
N GLU C 54 2.50 -18.80 24.07
CA GLU C 54 1.83 -19.85 24.89
C GLU C 54 0.83 -19.20 25.86
N GLU C 55 1.21 -18.10 26.49
CA GLU C 55 0.39 -17.37 27.47
C GLU C 55 -0.84 -16.82 26.73
N GLY C 56 -0.64 -16.17 25.58
CA GLY C 56 -1.75 -15.58 24.80
C GLY C 56 -2.77 -16.64 24.42
N LYS C 57 -2.31 -17.77 23.88
CA LYS C 57 -3.22 -18.87 23.46
C LYS C 57 -3.93 -19.48 24.67
N ALA C 58 -3.25 -19.63 25.81
CA ALA C 58 -3.87 -20.17 27.05
C ALA C 58 -5.04 -19.27 27.47
N ARG C 59 -4.86 -17.96 27.39
CA ARG C 59 -5.90 -16.94 27.75
C ARG C 59 -7.13 -17.13 26.86
N VAL C 60 -6.94 -17.33 25.56
CA VAL C 60 -8.06 -17.59 24.61
C VAL C 60 -8.72 -18.91 25.00
N ALA C 61 -7.90 -19.93 25.21
CA ALA C 61 -8.34 -21.32 25.44
C ALA C 61 -9.17 -21.44 26.73
N LYS C 62 -9.03 -20.51 27.68
CA LYS C 62 -9.91 -20.47 28.87
C LYS C 62 -11.37 -20.42 28.47
N SER C 63 -11.69 -19.81 27.32
CA SER C 63 -13.09 -19.65 26.84
C SER C 63 -13.70 -21.02 26.48
N ALA C 64 -12.88 -22.04 26.25
CA ALA C 64 -13.33 -23.39 25.84
C ALA C 64 -13.11 -24.41 26.97
N ALA C 65 -12.43 -24.06 28.07
CA ALA C 65 -12.19 -25.00 29.21
C ALA C 65 -13.53 -25.47 29.79
N GLY C 66 -13.61 -26.74 30.19
CA GLY C 66 -14.84 -27.34 30.76
C GLY C 66 -15.75 -27.87 29.66
N ASN C 67 -16.61 -27.03 29.08
CA ASN C 67 -17.72 -27.51 28.20
C ASN C 67 -17.30 -27.54 26.71
N TYR C 68 -16.06 -27.19 26.34
CA TYR C 68 -15.61 -27.33 24.93
C TYR C 68 -14.14 -27.77 24.84
N VAL C 69 -13.86 -28.99 25.33
CA VAL C 69 -12.48 -29.49 25.58
C VAL C 69 -11.75 -29.74 24.25
N ALA C 70 -12.41 -30.35 23.26
CA ALA C 70 -11.79 -30.57 21.92
C ALA C 70 -11.34 -29.21 21.37
N ASN C 71 -12.20 -28.20 21.52
CA ASN C 71 -11.95 -26.84 20.98
C ASN C 71 -10.80 -26.23 21.77
N GLU C 72 -10.74 -26.52 23.08
CA GLU C 72 -9.66 -26.02 23.95
C GLU C 72 -8.31 -26.52 23.41
N ARG C 73 -8.20 -27.82 23.15
CA ARG C 73 -6.93 -28.42 22.66
C ARG C 73 -6.50 -27.81 21.31
N LYS C 74 -7.45 -27.58 20.40
CA LYS C 74 -7.18 -26.94 19.08
C LYS C 74 -6.54 -25.57 19.32
N MET C 75 -7.09 -24.77 20.24
CA MET C 75 -6.61 -23.41 20.55
C MET C 75 -5.23 -23.44 21.21
N LEU C 76 -4.96 -24.46 22.03
CA LEU C 76 -3.63 -24.57 22.69
C LEU C 76 -2.59 -25.10 21.70
N ASP C 77 -2.97 -25.91 20.70
CA ASP C 77 -2.03 -26.65 19.83
C ASP C 77 -1.70 -25.90 18.54
N ALA C 78 -2.56 -24.99 18.07
CA ALA C 78 -2.33 -24.28 16.80
C ALA C 78 -1.15 -23.31 16.99
N SER C 79 -0.50 -22.89 15.89
CA SER C 79 0.59 -21.89 15.93
C SER C 79 0.00 -20.52 16.32
N HIS C 80 -1.05 -20.08 15.63
CA HIS C 80 -1.65 -18.73 15.76
C HIS C 80 -3.16 -18.89 15.93
N VAL C 81 -3.74 -18.23 16.90
CA VAL C 81 -5.20 -18.29 17.15
C VAL C 81 -5.80 -16.90 16.94
N VAL C 82 -6.73 -16.75 15.98
CA VAL C 82 -7.41 -15.45 15.70
C VAL C 82 -8.78 -15.44 16.37
N VAL C 83 -9.00 -14.45 17.23
CA VAL C 83 -10.35 -14.11 17.75
C VAL C 83 -10.92 -13.00 16.87
N PHE C 84 -11.98 -13.32 16.15
CA PHE C 84 -12.76 -12.34 15.38
C PHE C 84 -13.80 -11.72 16.31
N CYS C 85 -13.77 -10.39 16.43
CA CYS C 85 -14.65 -9.56 17.28
C CYS C 85 -15.44 -8.58 16.39
N ALA C 86 -16.73 -8.43 16.68
CA ALA C 86 -17.60 -7.36 16.15
C ALA C 86 -17.65 -6.19 17.12
N LYS C 87 -17.84 -5.00 16.57
CA LYS C 87 -18.29 -3.84 17.37
C LYS C 87 -19.67 -4.17 17.95
N THR C 88 -19.94 -3.66 19.14
CA THR C 88 -21.24 -3.82 19.85
C THR C 88 -22.17 -2.67 19.47
N ALA C 89 -21.67 -1.53 18.98
CA ALA C 89 -22.55 -0.48 18.43
C ALA C 89 -21.87 0.28 17.31
N MET C 90 -22.60 0.66 16.28
CA MET C 90 -21.97 1.41 15.14
C MET C 90 -22.04 2.88 15.50
N ASP C 91 -20.95 3.47 15.95
CA ASP C 91 -20.96 4.87 16.40
C ASP C 91 -20.35 5.78 15.31
N ASP C 92 -20.57 7.08 15.41
CA ASP C 92 -20.17 8.08 14.39
C ASP C 92 -18.66 8.32 14.44
N VAL C 93 -18.02 8.04 15.56
CA VAL C 93 -16.54 8.18 15.66
C VAL C 93 -15.89 7.11 14.76
N TRP C 94 -16.41 5.89 14.75
CA TRP C 94 -15.86 4.79 13.91
C TRP C 94 -16.06 5.16 12.43
N LEU C 95 -17.23 5.68 12.09
CA LEU C 95 -17.52 6.09 10.70
C LEU C 95 -16.60 7.24 10.30
N LYS C 96 -16.26 8.13 11.22
CA LYS C 96 -15.29 9.21 10.92
C LYS C 96 -13.91 8.59 10.70
N LEU C 97 -13.42 7.69 11.58
CA LEU C 97 -12.10 7.04 11.38
C LEU C 97 -12.08 6.44 9.95
N VAL C 98 -13.16 5.76 9.56
CA VAL C 98 -13.20 5.05 8.26
C VAL C 98 -13.06 6.06 7.12
N VAL C 99 -13.87 7.13 7.11
CA VAL C 99 -13.85 8.11 5.98
C VAL C 99 -12.55 8.93 6.01
N ASP C 100 -11.98 9.23 7.19
CA ASP C 100 -10.67 9.92 7.29
C ASP C 100 -9.58 9.02 6.67
N GLN C 101 -9.62 7.71 6.92
CA GLN C 101 -8.66 6.74 6.33
C GLN C 101 -8.83 6.70 4.80
N GLU C 102 -10.07 6.55 4.31
CA GLU C 102 -10.36 6.56 2.85
C GLU C 102 -9.80 7.85 2.23
N ASP C 103 -9.96 9.00 2.91
CA ASP C 103 -9.40 10.32 2.50
C ASP C 103 -7.87 10.25 2.49
N ALA C 104 -7.23 9.82 3.57
CA ALA C 104 -5.75 9.64 3.63
C ALA C 104 -5.24 8.69 2.54
N ASP C 105 -6.02 7.67 2.14
CA ASP C 105 -5.61 6.65 1.15
C ASP C 105 -5.86 7.15 -0.28
N GLY C 106 -6.55 8.27 -0.45
CA GLY C 106 -6.69 8.96 -1.75
C GLY C 106 -7.94 8.54 -2.50
N ARG C 107 -9.01 8.16 -1.80
CA ARG C 107 -10.26 7.76 -2.50
C ARG C 107 -11.10 8.99 -2.87
N TYR C 108 -10.81 10.21 -2.40
CA TYR C 108 -11.68 11.41 -2.64
C TYR C 108 -10.92 12.58 -3.28
N ALA C 109 -11.46 13.10 -4.39
CA ALA C 109 -10.88 14.23 -5.18
C ALA C 109 -11.12 15.54 -4.42
N THR C 110 -12.23 15.65 -3.71
CA THR C 110 -12.68 16.91 -3.05
C THR C 110 -13.32 16.62 -1.70
N PRO C 111 -13.30 17.61 -0.79
CA PRO C 111 -14.08 17.56 0.45
C PRO C 111 -15.56 17.22 0.20
N GLU C 112 -16.09 17.55 -0.99
CA GLU C 112 -17.51 17.31 -1.34
C GLU C 112 -17.74 15.81 -1.56
N ALA C 113 -16.86 15.16 -2.32
CA ALA C 113 -16.92 13.71 -2.58
C ALA C 113 -16.85 12.97 -1.22
N LYS C 114 -16.03 13.47 -0.30
CA LYS C 114 -15.82 12.83 1.03
C LYS C 114 -17.13 12.93 1.85
N ALA C 115 -17.69 14.14 1.99
CA ALA C 115 -18.97 14.36 2.71
C ALA C 115 -20.05 13.50 2.04
N ALA C 116 -20.10 13.51 0.72
CA ALA C 116 -21.14 12.72 0.00
C ALA C 116 -21.01 11.24 0.42
N ASN C 117 -19.79 10.69 0.44
CA ASN C 117 -19.62 9.25 0.75
C ASN C 117 -19.93 9.04 2.24
N ASP C 118 -19.58 9.98 3.09
CA ASP C 118 -19.87 9.87 4.54
C ASP C 118 -21.39 9.79 4.74
N LYS C 119 -22.16 10.56 3.96
CA LYS C 119 -23.63 10.66 4.16
C LYS C 119 -24.26 9.39 3.59
N GLY C 120 -23.72 8.88 2.48
CA GLY C 120 -24.17 7.59 1.93
C GLY C 120 -23.96 6.48 2.96
N ARG C 121 -22.80 6.47 3.63
CA ARG C 121 -22.48 5.37 4.58
C ARG C 121 -23.42 5.49 5.80
N LYS C 122 -23.68 6.73 6.22
CA LYS C 122 -24.58 7.04 7.36
C LYS C 122 -26.03 6.61 7.05
N PHE C 123 -26.52 6.79 5.82
CA PHE C 123 -27.85 6.30 5.39
C PHE C 123 -27.97 4.80 5.69
N PHE C 124 -26.99 4.00 5.27
CA PHE C 124 -26.99 2.52 5.51
C PHE C 124 -26.91 2.25 7.02
N ALA C 125 -25.93 2.83 7.71
CA ALA C 125 -25.73 2.61 9.16
C ALA C 125 -27.05 2.92 9.90
N ASP C 126 -27.72 4.02 9.51
CA ASP C 126 -28.93 4.53 10.20
C ASP C 126 -30.09 3.55 9.97
N MET C 127 -30.17 2.93 8.80
CA MET C 127 -31.17 1.87 8.53
C MET C 127 -31.09 0.81 9.64
N HIS C 128 -29.87 0.42 10.02
CA HIS C 128 -29.61 -0.65 11.02
C HIS C 128 -29.75 -0.11 12.45
N ARG C 129 -29.15 1.04 12.78
CA ARG C 129 -29.04 1.48 14.20
C ARG C 129 -30.26 2.32 14.61
N LYS C 130 -30.98 2.91 13.64
CA LYS C 130 -32.19 3.75 13.92
C LYS C 130 -33.47 3.03 13.53
N ASP C 131 -33.65 2.63 12.27
CA ASP C 131 -34.90 1.99 11.79
C ASP C 131 -35.04 0.57 12.40
N LEU C 132 -34.21 -0.40 11.99
CA LEU C 132 -34.32 -1.83 12.35
C LEU C 132 -33.84 -2.13 13.78
N HIS C 133 -32.95 -1.32 14.37
CA HIS C 133 -32.28 -1.61 15.67
C HIS C 133 -31.59 -2.98 15.59
N ASP C 134 -30.82 -3.21 14.53
CA ASP C 134 -30.14 -4.50 14.31
C ASP C 134 -28.69 -4.26 13.91
N ASP C 135 -28.09 -3.13 14.31
CA ASP C 135 -26.69 -2.82 13.93
C ASP C 135 -25.77 -3.89 14.54
N ALA C 136 -26.01 -4.38 15.76
CA ALA C 136 -25.15 -5.44 16.34
C ALA C 136 -25.10 -6.64 15.38
N GLU C 137 -26.26 -7.13 14.92
CA GLU C 137 -26.36 -8.30 14.03
C GLU C 137 -25.72 -7.96 12.68
N TRP C 138 -25.94 -6.76 12.17
CA TRP C 138 -25.41 -6.29 10.86
C TRP C 138 -23.88 -6.33 10.88
N MET C 139 -23.26 -5.79 11.94
CA MET C 139 -21.80 -5.78 12.10
C MET C 139 -21.29 -7.21 12.28
N ALA C 140 -22.00 -8.06 13.02
CA ALA C 140 -21.59 -9.47 13.25
C ALA C 140 -21.59 -10.20 11.90
N LYS C 141 -22.52 -9.88 11.00
CA LYS C 141 -22.54 -10.47 9.62
C LYS C 141 -21.27 -10.10 8.83
N GLN C 142 -20.86 -8.84 8.90
CA GLN C 142 -19.62 -8.41 8.24
C GLN C 142 -18.44 -9.20 8.80
N VAL C 143 -18.41 -9.47 10.12
CA VAL C 143 -17.28 -10.24 10.70
C VAL C 143 -17.27 -11.68 10.17
N TYR C 144 -18.43 -12.29 10.03
CA TYR C 144 -18.54 -13.66 9.48
C TYR C 144 -18.11 -13.65 8.01
N LEU C 145 -18.39 -12.59 7.28
CA LEU C 145 -17.88 -12.49 5.88
C LEU C 145 -16.35 -12.47 5.92
N ASN C 146 -15.75 -11.76 6.87
CA ASN C 146 -14.28 -11.70 7.04
C ASN C 146 -13.77 -13.13 7.29
N VAL C 147 -14.44 -13.85 8.19
CA VAL C 147 -14.10 -15.26 8.50
C VAL C 147 -14.09 -16.08 7.19
N GLY C 148 -15.13 -15.99 6.36
CA GLY C 148 -15.22 -16.78 5.10
C GLY C 148 -14.05 -16.47 4.20
N ASN C 149 -13.74 -15.18 4.07
CA ASN C 149 -12.56 -14.68 3.31
C ASN C 149 -11.28 -15.34 3.88
N PHE C 150 -11.13 -15.29 5.20
CA PHE C 150 -9.93 -15.75 5.93
C PHE C 150 -9.71 -17.26 5.73
N LEU C 151 -10.73 -18.11 5.87
CA LEU C 151 -10.56 -19.57 5.81
C LEU C 151 -10.09 -19.95 4.40
N LEU C 152 -10.65 -19.35 3.34
CA LEU C 152 -10.20 -19.67 1.97
C LEU C 152 -8.76 -19.15 1.79
N GLY C 153 -8.50 -17.92 2.23
CA GLY C 153 -7.16 -17.28 2.17
C GLY C 153 -6.05 -18.12 2.80
N VAL C 154 -6.21 -18.55 4.05
CA VAL C 154 -5.17 -19.32 4.79
C VAL C 154 -4.96 -20.66 4.09
N ALA C 155 -6.04 -21.27 3.59
CA ALA C 155 -5.95 -22.52 2.80
C ALA C 155 -5.09 -22.28 1.55
N ALA C 156 -5.23 -21.13 0.90
CA ALA C 156 -4.45 -20.80 -0.32
C ALA C 156 -3.00 -20.55 0.09
N LEU C 157 -2.72 -20.18 1.35
CA LEU C 157 -1.33 -20.00 1.84
C LEU C 157 -0.70 -21.35 2.21
N GLY C 158 -1.47 -22.43 2.19
CA GLY C 158 -0.97 -23.77 2.55
C GLY C 158 -1.12 -24.02 4.05
N LEU C 159 -2.00 -23.30 4.71
CA LEU C 159 -2.15 -23.41 6.18
C LEU C 159 -3.46 -24.14 6.52
N ASP C 160 -3.42 -24.91 7.62
CA ASP C 160 -4.61 -25.57 8.22
C ASP C 160 -5.27 -24.60 9.18
N ALA C 161 -6.57 -24.75 9.34
CA ALA C 161 -7.37 -23.85 10.18
C ALA C 161 -8.68 -24.54 10.52
N VAL C 162 -9.31 -24.09 11.59
CA VAL C 162 -10.71 -24.47 11.89
C VAL C 162 -11.45 -23.26 12.45
N PRO C 163 -12.66 -22.96 11.95
CA PRO C 163 -13.51 -21.96 12.56
C PRO C 163 -14.21 -22.55 13.81
N ILE C 164 -14.24 -21.78 14.90
CA ILE C 164 -14.82 -22.26 16.18
C ILE C 164 -15.87 -21.29 16.70
N GLU C 165 -17.11 -21.78 16.81
CA GLU C 165 -18.23 -21.14 17.57
C GLU C 165 -18.38 -21.80 18.94
N GLY C 166 -17.81 -22.99 19.15
CA GLY C 166 -17.89 -23.72 20.44
C GLY C 166 -16.92 -23.17 21.46
N PHE C 167 -17.21 -21.96 21.97
CA PHE C 167 -16.49 -21.33 23.09
C PHE C 167 -17.48 -20.46 23.87
N ASP C 168 -17.07 -20.09 25.07
CA ASP C 168 -17.86 -19.18 25.91
C ASP C 168 -17.42 -17.72 25.64
N ALA C 169 -18.21 -16.96 24.91
CA ALA C 169 -17.87 -15.57 24.47
C ALA C 169 -17.84 -14.65 25.70
N ALA C 170 -18.62 -14.93 26.74
CA ALA C 170 -18.64 -14.10 27.97
C ALA C 170 -17.26 -14.20 28.65
N ILE C 171 -16.74 -15.41 28.76
CA ILE C 171 -15.38 -15.65 29.35
C ILE C 171 -14.36 -14.97 28.47
N LEU C 172 -14.42 -15.18 27.15
CA LEU C 172 -13.38 -14.61 26.27
C LEU C 172 -13.44 -13.08 26.31
N ASP C 173 -14.63 -12.50 26.22
CA ASP C 173 -14.82 -11.03 26.31
C ASP C 173 -14.22 -10.52 27.64
N ALA C 174 -14.51 -11.18 28.76
CA ALA C 174 -13.99 -10.78 30.08
C ALA C 174 -12.45 -10.85 30.07
N GLU C 175 -11.88 -11.92 29.51
CA GLU C 175 -10.43 -12.17 29.58
C GLU C 175 -9.65 -11.04 28.90
N PHE C 176 -10.22 -10.44 27.85
CA PHE C 176 -9.55 -9.36 27.07
C PHE C 176 -10.21 -8.00 27.29
N GLY C 177 -11.18 -7.89 28.20
CA GLY C 177 -11.83 -6.59 28.50
C GLY C 177 -12.53 -6.03 27.26
N LEU C 178 -13.11 -6.88 26.42
CA LEU C 178 -13.61 -6.47 25.09
C LEU C 178 -14.86 -5.60 25.24
N LYS C 179 -15.75 -5.93 26.16
CA LYS C 179 -17.04 -5.21 26.27
C LYS C 179 -16.79 -3.71 26.49
N GLU C 180 -15.91 -3.38 27.43
CA GLU C 180 -15.61 -1.95 27.75
C GLU C 180 -14.95 -1.28 26.53
N LYS C 181 -14.17 -2.02 25.73
CA LYS C 181 -13.53 -1.45 24.51
C LYS C 181 -14.56 -1.28 23.39
N GLY C 182 -15.73 -1.90 23.50
CA GLY C 182 -16.86 -1.78 22.57
C GLY C 182 -16.92 -2.94 21.58
N TYR C 183 -16.44 -4.13 21.96
CA TYR C 183 -16.38 -5.31 21.06
C TYR C 183 -16.90 -6.54 21.78
N THR C 184 -17.22 -7.56 21.00
CA THR C 184 -17.61 -8.91 21.46
C THR C 184 -17.00 -9.95 20.51
N SER C 185 -16.50 -11.04 21.09
CA SER C 185 -15.89 -12.19 20.38
C SER C 185 -16.98 -13.05 19.70
N LEU C 186 -16.77 -13.44 18.45
CA LEU C 186 -17.78 -14.15 17.64
C LEU C 186 -17.28 -15.54 17.25
N VAL C 187 -16.06 -15.59 16.71
CA VAL C 187 -15.45 -16.80 16.11
C VAL C 187 -13.97 -16.83 16.48
N VAL C 188 -13.48 -18.01 16.83
CA VAL C 188 -12.03 -18.27 17.09
C VAL C 188 -11.56 -19.17 15.95
N VAL C 189 -10.46 -18.81 15.30
CA VAL C 189 -9.83 -19.59 14.21
C VAL C 189 -8.39 -19.90 14.58
N PRO C 190 -8.12 -21.09 15.16
CA PRO C 190 -6.77 -21.59 15.24
C PRO C 190 -6.18 -21.84 13.85
N VAL C 191 -4.94 -21.36 13.63
CA VAL C 191 -4.22 -21.52 12.34
C VAL C 191 -2.89 -22.23 12.59
N GLY C 192 -2.52 -23.13 11.69
CA GLY C 192 -1.22 -23.79 11.75
C GLY C 192 -1.18 -24.98 10.83
N HIS C 193 -0.79 -26.10 11.42
CA HIS C 193 -0.56 -27.36 10.69
C HIS C 193 -1.22 -28.49 11.44
N HIS C 194 -1.97 -29.35 10.74
CA HIS C 194 -2.69 -30.48 11.36
C HIS C 194 -1.68 -31.52 11.85
N SER C 195 -2.06 -32.21 12.89
CA SER C 195 -1.34 -33.37 13.47
C SER C 195 -1.89 -34.68 12.90
N VAL C 196 -1.22 -35.79 13.25
CA VAL C 196 -1.63 -37.18 12.99
C VAL C 196 -3.02 -37.46 13.54
N GLU C 197 -3.45 -36.79 14.62
CA GLU C 197 -4.77 -37.03 15.27
C GLU C 197 -5.88 -36.30 14.51
N ASP C 198 -5.56 -35.59 13.43
CA ASP C 198 -6.63 -34.87 12.69
C ASP C 198 -7.36 -35.85 11.78
N PHE C 199 -8.37 -36.51 12.33
CA PHE C 199 -9.12 -37.57 11.60
C PHE C 199 -9.75 -36.93 10.36
N ASN C 200 -10.07 -35.65 10.42
CA ASN C 200 -10.81 -34.94 9.33
C ASN C 200 -9.93 -34.70 8.11
N ALA C 201 -8.60 -34.77 8.23
CA ALA C 201 -7.67 -34.59 7.10
C ALA C 201 -7.79 -35.75 6.10
N THR C 202 -8.36 -36.90 6.46
CA THR C 202 -8.42 -38.06 5.55
C THR C 202 -9.87 -38.44 5.24
N LEU C 203 -10.85 -37.58 5.53
CA LEU C 203 -12.27 -37.81 5.20
C LEU C 203 -12.61 -36.96 3.99
N PRO C 204 -13.50 -37.45 3.13
CA PRO C 204 -13.96 -36.64 2.01
C PRO C 204 -14.93 -35.57 2.53
N LYS C 205 -14.95 -34.46 1.83
CA LYS C 205 -15.81 -33.29 2.11
C LYS C 205 -17.25 -33.71 1.84
N SER C 206 -18.20 -33.27 2.64
CA SER C 206 -19.62 -33.61 2.39
C SER C 206 -20.46 -32.32 2.28
N ARG C 207 -21.16 -32.19 1.15
CA ARG C 207 -22.10 -31.06 0.95
C ARG C 207 -23.38 -31.61 0.31
N LEU C 208 -24.49 -30.98 0.61
CA LEU C 208 -25.77 -31.21 -0.11
C LEU C 208 -25.55 -30.99 -1.59
N PRO C 209 -26.26 -31.77 -2.44
CA PRO C 209 -26.14 -31.61 -3.88
C PRO C 209 -26.73 -30.26 -4.33
N GLN C 210 -26.24 -29.78 -5.46
CA GLN C 210 -26.73 -28.52 -6.07
C GLN C 210 -28.21 -28.64 -6.45
N ASN C 211 -28.68 -29.85 -6.75
CA ASN C 211 -30.10 -30.05 -7.12
C ASN C 211 -30.99 -29.76 -5.91
N ILE C 212 -30.46 -29.63 -4.68
CA ILE C 212 -31.25 -29.18 -3.49
C ILE C 212 -31.02 -27.68 -3.26
N THR C 213 -29.78 -27.22 -3.26
CA THR C 213 -29.43 -25.88 -2.74
C THR C 213 -29.43 -24.79 -3.82
N LEU C 214 -29.48 -25.15 -5.10
CA LEU C 214 -29.10 -24.16 -6.15
C LEU C 214 -30.12 -24.21 -7.29
N THR C 215 -30.76 -23.09 -7.55
CA THR C 215 -31.72 -22.91 -8.69
C THR C 215 -31.04 -22.02 -9.73
N GLU C 216 -30.95 -22.48 -10.97
CA GLU C 216 -30.49 -21.65 -12.12
C GLU C 216 -31.72 -21.04 -12.82
N VAL C 217 -31.69 -19.76 -13.17
CA VAL C 217 -32.86 -19.02 -13.79
C VAL C 217 -32.38 -18.13 -14.95
N MET D 1 34.58 4.45 -17.56
CA MET D 1 33.12 4.09 -17.42
C MET D 1 32.23 5.32 -17.72
N ASP D 2 31.17 5.10 -18.50
CA ASP D 2 30.11 6.08 -18.81
C ASP D 2 29.11 6.12 -17.64
N ILE D 3 28.28 7.17 -17.61
CA ILE D 3 27.48 7.48 -16.40
C ILE D 3 26.38 6.43 -16.22
N ILE D 4 25.90 5.81 -17.28
CA ILE D 4 24.84 4.79 -17.12
C ILE D 4 25.45 3.58 -16.43
N SER D 5 26.64 3.16 -16.83
CA SER D 5 27.34 2.05 -16.13
C SER D 5 27.48 2.39 -14.64
N VAL D 6 27.83 3.64 -14.35
CA VAL D 6 28.02 4.11 -12.95
C VAL D 6 26.66 3.92 -12.24
N ALA D 7 25.57 4.35 -12.86
CA ALA D 7 24.23 4.33 -12.25
C ALA D 7 23.78 2.88 -12.02
N LEU D 8 24.18 1.98 -12.91
CA LEU D 8 23.80 0.56 -12.80
C LEU D 8 24.72 -0.22 -11.88
N LYS D 9 25.93 0.26 -11.57
CA LYS D 9 26.92 -0.50 -10.78
C LYS D 9 26.93 0.02 -9.34
N ARG D 10 26.52 1.26 -9.09
CA ARG D 10 26.61 1.82 -7.70
C ARG D 10 25.62 1.05 -6.83
N HIS D 11 25.79 1.09 -5.51
CA HIS D 11 24.85 0.44 -4.57
C HIS D 11 24.98 1.09 -3.20
N SER D 12 23.97 0.88 -2.35
CA SER D 12 23.96 1.31 -0.94
C SER D 12 24.86 0.36 -0.11
N THR D 13 26.07 0.80 0.20
CA THR D 13 27.09 0.05 0.97
C THR D 13 26.54 -0.24 2.36
N LYS D 14 26.48 -1.50 2.76
CA LYS D 14 25.99 -1.95 4.08
C LYS D 14 27.15 -2.09 5.09
N ALA D 15 28.40 -2.04 4.65
CA ALA D 15 29.54 -2.13 5.60
C ALA D 15 30.75 -1.50 4.96
N PHE D 16 31.47 -0.66 5.71
CA PHE D 16 32.66 0.05 5.20
C PHE D 16 33.95 -0.50 5.84
N ASP D 17 35.00 -0.52 5.03
CA ASP D 17 36.42 -0.78 5.40
C ASP D 17 37.02 0.52 5.94
N ALA D 18 37.25 0.55 7.25
CA ALA D 18 37.70 1.76 7.96
C ALA D 18 39.16 2.05 7.66
N SER D 19 39.89 1.15 7.01
CA SER D 19 41.34 1.37 6.68
C SER D 19 41.48 2.10 5.34
N LYS D 20 40.43 2.10 4.51
CA LYS D 20 40.46 2.66 3.14
C LYS D 20 39.92 4.08 3.18
N LYS D 21 40.80 5.06 3.22
CA LYS D 21 40.45 6.49 3.36
C LYS D 21 40.22 7.12 1.98
N LEU D 22 39.42 8.20 1.90
CA LEU D 22 39.44 9.04 0.67
C LEU D 22 40.85 9.57 0.53
N THR D 23 41.36 9.62 -0.70
CA THR D 23 42.56 10.43 -1.05
C THR D 23 42.29 11.90 -0.73
N PRO D 24 43.36 12.68 -0.48
CA PRO D 24 43.22 14.12 -0.30
C PRO D 24 42.44 14.76 -1.47
N GLU D 25 42.67 14.29 -2.69
CA GLU D 25 41.95 14.76 -3.90
C GLU D 25 40.44 14.49 -3.73
N GLN D 26 40.07 13.27 -3.37
CA GLN D 26 38.66 12.84 -3.24
C GLN D 26 37.98 13.68 -2.16
N ALA D 27 38.69 13.99 -1.07
CA ALA D 27 38.12 14.72 0.08
C ALA D 27 37.73 16.14 -0.37
N GLU D 28 38.55 16.76 -1.22
CA GLU D 28 38.24 18.09 -1.84
C GLU D 28 37.09 17.95 -2.82
N GLN D 29 37.12 16.91 -3.66
CA GLN D 29 36.11 16.73 -4.73
C GLN D 29 34.71 16.54 -4.12
N ILE D 30 34.58 15.80 -3.00
CA ILE D 30 33.22 15.56 -2.44
C ILE D 30 32.65 16.89 -1.95
N LYS D 31 33.50 17.81 -1.49
CA LYS D 31 33.06 19.12 -0.98
C LYS D 31 32.58 19.97 -2.16
N THR D 32 33.29 19.90 -3.29
CA THR D 32 32.89 20.60 -4.52
C THR D 32 31.52 20.09 -4.96
N LEU D 33 31.28 18.77 -4.89
CA LEU D 33 29.95 18.20 -5.26
C LEU D 33 28.84 18.78 -4.38
N LEU D 34 29.04 18.84 -3.07
CA LEU D 34 28.02 19.39 -2.14
C LEU D 34 27.72 20.84 -2.53
N GLN D 35 28.76 21.64 -2.72
CA GLN D 35 28.64 23.10 -2.97
C GLN D 35 27.89 23.37 -4.28
N TYR D 36 28.22 22.65 -5.34
CA TYR D 36 27.82 23.01 -6.73
C TYR D 36 26.50 22.36 -7.14
N SER D 37 25.81 21.65 -6.24
CA SER D 37 24.44 21.12 -6.51
C SER D 37 23.55 22.28 -6.96
N PRO D 38 22.66 22.08 -7.96
CA PRO D 38 21.60 23.06 -8.20
C PRO D 38 20.57 23.04 -7.05
N SER D 39 19.67 24.03 -7.02
CA SER D 39 18.60 24.20 -6.01
C SER D 39 17.64 25.24 -6.60
N SER D 40 16.36 25.15 -6.28
CA SER D 40 15.34 26.12 -6.73
C SER D 40 15.81 27.55 -6.40
N THR D 41 15.85 28.42 -7.41
CA THR D 41 16.25 29.86 -7.35
C THR D 41 17.68 30.00 -6.86
N ASN D 42 18.49 28.95 -6.91
CA ASN D 42 19.86 28.97 -6.36
C ASN D 42 19.80 29.26 -4.83
N SER D 43 18.68 28.88 -4.20
CA SER D 43 18.40 29.14 -2.76
C SER D 43 19.46 28.51 -1.85
N GLN D 44 20.13 27.41 -2.25
CA GLN D 44 21.21 26.74 -1.47
C GLN D 44 20.88 26.68 0.04
N PRO D 45 19.68 26.14 0.39
CA PRO D 45 19.15 26.25 1.75
C PRO D 45 19.65 25.13 2.67
N TRP D 46 20.97 25.05 2.80
CA TRP D 46 21.64 23.83 3.30
C TRP D 46 22.91 24.17 4.08
N HIS D 47 23.26 23.23 4.95
CA HIS D 47 24.57 23.21 5.65
C HIS D 47 25.05 21.77 5.60
N PHE D 48 26.35 21.58 5.45
CA PHE D 48 26.93 20.22 5.45
C PHE D 48 27.90 20.10 6.61
N ILE D 49 27.77 19.02 7.36
CA ILE D 49 28.85 18.58 8.31
C ILE D 49 29.64 17.45 7.62
N VAL D 50 30.93 17.64 7.45
CA VAL D 50 31.80 16.59 6.85
C VAL D 50 32.69 16.09 7.99
N ALA D 51 32.39 14.90 8.50
CA ALA D 51 33.12 14.29 9.63
C ALA D 51 34.14 13.28 9.04
N SER D 52 35.42 13.54 9.26
CA SER D 52 36.51 12.64 8.81
C SER D 52 37.43 12.25 9.98
N THR D 53 37.31 12.86 11.15
CA THR D 53 38.12 12.45 12.34
C THR D 53 37.38 11.32 13.04
N GLU D 54 38.09 10.49 13.80
CA GLU D 54 37.48 9.43 14.64
C GLU D 54 36.47 10.11 15.60
N GLU D 55 36.87 11.24 16.18
CA GLU D 55 36.07 12.00 17.16
C GLU D 55 34.81 12.56 16.46
N GLY D 56 34.95 13.13 15.27
CA GLY D 56 33.81 13.70 14.53
C GLY D 56 32.79 12.64 14.11
N LYS D 57 33.23 11.48 13.63
CA LYS D 57 32.29 10.41 13.19
C LYS D 57 31.56 9.81 14.40
N ALA D 58 32.24 9.68 15.53
CA ALA D 58 31.63 9.16 16.77
C ALA D 58 30.49 10.10 17.18
N ARG D 59 30.68 11.41 17.10
CA ARG D 59 29.62 12.42 17.42
C ARG D 59 28.42 12.24 16.50
N VAL D 60 28.65 12.04 15.21
CA VAL D 60 27.55 11.74 14.27
C VAL D 60 26.90 10.42 14.64
N ALA D 61 27.70 9.39 14.92
CA ALA D 61 27.17 8.02 15.09
C ALA D 61 26.29 7.95 16.36
N LYS D 62 26.40 8.89 17.31
CA LYS D 62 25.51 8.92 18.50
C LYS D 62 24.06 8.98 18.05
N SER D 63 23.78 9.52 16.86
CA SER D 63 22.40 9.69 16.36
C SER D 63 21.82 8.33 15.97
N ALA D 64 22.66 7.32 15.78
CA ALA D 64 22.22 5.98 15.37
C ALA D 64 22.30 5.01 16.56
N ALA D 65 22.98 5.37 17.65
CA ALA D 65 23.05 4.51 18.86
C ALA D 65 21.62 4.35 19.38
N GLY D 66 21.20 3.12 19.72
CA GLY D 66 19.78 2.79 19.99
C GLY D 66 18.90 3.02 18.78
N ASN D 67 18.11 2.01 18.37
CA ASN D 67 17.12 2.14 17.28
C ASN D 67 17.75 1.84 15.90
N TYR D 68 19.05 2.08 15.70
CA TYR D 68 19.70 2.03 14.36
C TYR D 68 21.18 1.62 14.40
N VAL D 69 21.53 0.49 15.03
CA VAL D 69 22.96 0.10 15.27
C VAL D 69 23.64 -0.34 13.96
N ALA D 70 22.90 -0.86 12.97
CA ALA D 70 23.48 -1.19 11.64
C ALA D 70 23.99 0.12 11.01
N ASN D 71 23.14 1.16 11.13
CA ASN D 71 23.49 2.50 10.60
C ASN D 71 24.68 3.05 11.41
N GLU D 72 24.74 2.78 12.71
CA GLU D 72 25.80 3.32 13.59
C GLU D 72 27.18 2.86 13.10
N ARG D 73 27.30 1.56 12.83
CA ARG D 73 28.58 0.97 12.36
C ARG D 73 29.01 1.63 11.05
N LYS D 74 28.07 1.81 10.10
CA LYS D 74 28.36 2.48 8.80
C LYS D 74 28.95 3.87 9.07
N MET D 75 28.38 4.59 10.02
CA MET D 75 28.86 5.95 10.34
C MET D 75 30.28 5.87 10.95
N LEU D 76 30.54 4.85 11.76
CA LEU D 76 31.86 4.74 12.45
C LEU D 76 32.94 4.27 11.46
N ASP D 77 32.59 3.47 10.45
CA ASP D 77 33.56 2.67 9.64
C ASP D 77 33.90 3.41 8.35
N ALA D 78 33.06 4.33 7.87
CA ALA D 78 33.32 5.02 6.58
C ALA D 78 34.48 6.00 6.76
N SER D 79 35.24 6.28 5.71
CA SER D 79 36.30 7.32 5.68
C SER D 79 35.73 8.68 6.12
N HIS D 80 34.67 9.13 5.44
CA HIS D 80 34.07 10.47 5.61
C HIS D 80 32.56 10.30 5.76
N VAL D 81 31.95 11.10 6.62
CA VAL D 81 30.49 11.02 6.84
C VAL D 81 29.94 12.42 6.64
N VAL D 82 29.00 12.56 5.71
CA VAL D 82 28.36 13.87 5.37
C VAL D 82 26.97 13.90 6.00
N VAL D 83 26.73 14.91 6.81
CA VAL D 83 25.39 15.22 7.31
C VAL D 83 24.84 16.34 6.43
N PHE D 84 23.72 16.06 5.76
CA PHE D 84 22.97 17.04 4.95
C PHE D 84 21.96 17.71 5.86
N CYS D 85 22.02 19.05 5.97
CA CYS D 85 21.11 19.85 6.83
C CYS D 85 20.33 20.85 5.97
N ALA D 86 19.03 20.98 6.22
CA ALA D 86 18.17 22.03 5.64
C ALA D 86 18.13 23.22 6.60
N LYS D 87 18.00 24.41 6.06
CA LYS D 87 17.54 25.58 6.86
C LYS D 87 16.15 25.26 7.44
N THR D 88 15.85 25.75 8.64
CA THR D 88 14.53 25.63 9.31
C THR D 88 13.59 26.77 8.89
N ALA D 89 14.12 27.91 8.47
CA ALA D 89 13.31 29.01 7.88
C ALA D 89 14.08 29.71 6.76
N MET D 90 13.40 30.06 5.67
CA MET D 90 13.99 30.87 4.57
C MET D 90 13.83 32.36 4.92
N ASP D 91 14.91 32.94 5.42
CA ASP D 91 14.95 34.33 5.88
C ASP D 91 15.59 35.20 4.79
N ASP D 92 15.42 36.51 4.94
CA ASP D 92 15.80 37.52 3.92
C ASP D 92 17.30 37.72 3.95
N VAL D 93 17.97 37.46 5.07
CA VAL D 93 19.45 37.65 5.05
C VAL D 93 20.07 36.50 4.21
N TRP D 94 19.55 35.28 4.27
CA TRP D 94 20.07 34.19 3.40
C TRP D 94 19.91 34.62 1.93
N LEU D 95 18.76 35.19 1.58
CA LEU D 95 18.48 35.56 0.16
C LEU D 95 19.44 36.69 -0.28
N LYS D 96 19.74 37.63 0.61
CA LYS D 96 20.75 38.70 0.34
C LYS D 96 22.11 38.06 0.15
N LEU D 97 22.53 37.15 1.04
CA LEU D 97 23.82 36.43 0.89
C LEU D 97 23.92 35.83 -0.51
N VAL D 98 22.87 35.16 -0.94
CA VAL D 98 22.85 34.47 -2.25
C VAL D 98 23.01 35.51 -3.36
N VAL D 99 22.19 36.56 -3.39
CA VAL D 99 22.25 37.54 -4.51
C VAL D 99 23.56 38.33 -4.47
N ASP D 100 24.07 38.66 -3.28
CA ASP D 100 25.38 39.34 -3.17
C ASP D 100 26.48 38.43 -3.72
N GLN D 101 26.40 37.12 -3.48
CA GLN D 101 27.41 36.16 -4.00
C GLN D 101 27.32 36.12 -5.53
N GLU D 102 26.10 36.05 -6.09
CA GLU D 102 25.88 35.98 -7.56
C GLU D 102 26.48 37.22 -8.23
N ASP D 103 26.34 38.37 -7.58
CA ASP D 103 26.92 39.66 -8.04
C ASP D 103 28.45 39.56 -8.01
N ALA D 104 29.03 39.10 -6.89
CA ALA D 104 30.49 38.93 -6.72
C ALA D 104 31.00 37.98 -7.83
N ASP D 105 30.21 36.99 -8.21
CA ASP D 105 30.60 35.97 -9.23
C ASP D 105 30.44 36.54 -10.64
N GLY D 106 29.78 37.68 -10.85
CA GLY D 106 29.69 38.33 -12.18
C GLY D 106 28.45 37.92 -12.97
N ARG D 107 27.35 37.53 -12.32
CA ARG D 107 26.11 37.12 -13.02
C ARG D 107 25.28 38.37 -13.40
N TYR D 108 25.54 39.55 -12.82
CA TYR D 108 24.69 40.76 -13.03
C TYR D 108 25.50 41.90 -13.67
N ALA D 109 25.05 42.36 -14.84
CA ALA D 109 25.73 43.43 -15.62
C ALA D 109 25.37 44.79 -15.01
N THR D 110 24.19 44.89 -14.41
CA THR D 110 23.63 46.13 -13.80
C THR D 110 22.97 45.87 -12.45
N PRO D 111 22.87 46.92 -11.59
CA PRO D 111 22.06 46.84 -10.37
C PRO D 111 20.59 46.50 -10.64
N GLU D 112 20.05 46.82 -11.81
CA GLU D 112 18.64 46.51 -12.19
C GLU D 112 18.48 45.01 -12.40
N ALA D 113 19.47 44.32 -13.00
CA ALA D 113 19.39 42.86 -13.21
C ALA D 113 19.46 42.18 -11.85
N LYS D 114 20.31 42.67 -10.94
CA LYS D 114 20.50 42.08 -9.59
C LYS D 114 19.19 42.23 -8.79
N ALA D 115 18.62 43.44 -8.77
CA ALA D 115 17.33 43.76 -8.10
C ALA D 115 16.21 42.88 -8.69
N ALA D 116 16.17 42.71 -10.01
CA ALA D 116 15.14 41.90 -10.70
C ALA D 116 15.23 40.43 -10.25
N ASN D 117 16.44 39.89 -10.24
CA ASN D 117 16.66 38.49 -9.81
C ASN D 117 16.27 38.40 -8.32
N ASP D 118 16.64 39.39 -7.51
CA ASP D 118 16.30 39.35 -6.06
C ASP D 118 14.76 39.28 -5.89
N LYS D 119 13.99 40.06 -6.65
CA LYS D 119 12.51 40.10 -6.60
C LYS D 119 11.95 38.77 -7.11
N GLY D 120 12.48 38.28 -8.22
CA GLY D 120 12.06 36.98 -8.78
C GLY D 120 12.23 35.90 -7.72
N ARG D 121 13.37 35.88 -7.02
CA ARG D 121 13.65 34.83 -5.99
C ARG D 121 12.65 35.00 -4.82
N LYS D 122 12.36 36.24 -4.47
CA LYS D 122 11.46 36.57 -3.34
C LYS D 122 10.02 36.19 -3.63
N PHE D 123 9.54 36.31 -4.89
CA PHE D 123 8.21 35.80 -5.33
C PHE D 123 8.08 34.32 -4.95
N PHE D 124 9.05 33.49 -5.34
CA PHE D 124 9.02 32.02 -5.10
C PHE D 124 9.07 31.72 -3.60
N ALA D 125 9.99 32.38 -2.88
CA ALA D 125 10.25 32.12 -1.45
C ALA D 125 9.00 32.52 -0.66
N ASP D 126 8.29 33.56 -1.10
CA ASP D 126 7.06 34.09 -0.46
C ASP D 126 5.92 33.09 -0.70
N MET D 127 5.85 32.49 -1.88
CA MET D 127 4.82 31.46 -2.16
C MET D 127 4.92 30.39 -1.07
N HIS D 128 6.15 30.02 -0.68
CA HIS D 128 6.38 28.93 0.30
C HIS D 128 6.25 29.44 1.74
N ARG D 129 6.94 30.53 2.10
CA ARG D 129 7.00 30.94 3.54
C ARG D 129 5.74 31.78 3.90
N LYS D 130 5.05 32.38 2.94
CA LYS D 130 3.92 33.30 3.22
C LYS D 130 2.60 32.63 2.84
N ASP D 131 2.49 32.09 1.63
CA ASP D 131 1.18 31.57 1.14
C ASP D 131 0.99 30.12 1.62
N LEU D 132 1.86 29.18 1.24
CA LEU D 132 1.67 27.73 1.51
C LEU D 132 2.12 27.34 2.92
N HIS D 133 2.92 28.15 3.62
CA HIS D 133 3.53 27.80 4.94
C HIS D 133 4.26 26.45 4.84
N ASP D 134 5.01 26.21 3.75
CA ASP D 134 5.74 24.94 3.53
C ASP D 134 7.22 25.21 3.22
N ASP D 135 7.83 26.33 3.62
CA ASP D 135 9.24 26.62 3.24
C ASP D 135 10.17 25.55 3.82
N ALA D 136 9.92 25.04 5.03
CA ALA D 136 10.77 23.99 5.63
C ALA D 136 10.82 22.80 4.67
N GLU D 137 9.66 22.32 4.22
CA GLU D 137 9.51 21.15 3.34
C GLU D 137 10.16 21.49 1.99
N TRP D 138 9.95 22.70 1.49
CA TRP D 138 10.48 23.15 0.16
C TRP D 138 12.02 23.10 0.24
N MET D 139 12.60 23.58 1.33
CA MET D 139 14.07 23.63 1.42
C MET D 139 14.64 22.20 1.59
N ALA D 140 13.95 21.34 2.37
CA ALA D 140 14.33 19.94 2.60
C ALA D 140 14.33 19.19 1.25
N LYS D 141 13.43 19.54 0.34
CA LYS D 141 13.41 18.98 -1.03
C LYS D 141 14.68 19.34 -1.81
N GLN D 142 15.15 20.58 -1.67
CA GLN D 142 16.39 21.04 -2.35
C GLN D 142 17.56 20.22 -1.81
N VAL D 143 17.57 19.95 -0.48
CA VAL D 143 18.64 19.13 0.17
C VAL D 143 18.60 17.70 -0.37
N TYR D 144 17.43 17.10 -0.53
CA TYR D 144 17.28 15.75 -1.12
C TYR D 144 17.77 15.74 -2.57
N LEU D 145 17.53 16.81 -3.32
CA LEU D 145 18.05 16.89 -4.71
C LEU D 145 19.59 16.89 -4.66
N ASN D 146 20.15 17.60 -3.69
CA ASN D 146 21.62 17.64 -3.45
C ASN D 146 22.08 16.22 -3.17
N VAL D 147 21.40 15.51 -2.26
CA VAL D 147 21.80 14.11 -1.94
C VAL D 147 21.84 13.30 -3.25
N GLY D 148 20.83 13.44 -4.11
CA GLY D 148 20.75 12.68 -5.38
C GLY D 148 21.94 12.94 -6.29
N ASN D 149 22.29 14.21 -6.45
CA ASN D 149 23.49 14.68 -7.17
C ASN D 149 24.74 14.01 -6.56
N PHE D 150 24.83 14.04 -5.23
CA PHE D 150 26.01 13.57 -4.49
C PHE D 150 26.22 12.06 -4.68
N LEU D 151 25.18 11.26 -4.54
CA LEU D 151 25.32 9.79 -4.60
C LEU D 151 25.83 9.39 -5.98
N LEU D 152 25.34 10.02 -7.05
CA LEU D 152 25.85 9.67 -8.40
C LEU D 152 27.28 10.17 -8.57
N GLY D 153 27.55 11.41 -8.14
CA GLY D 153 28.88 12.03 -8.15
C GLY D 153 29.94 11.16 -7.48
N VAL D 154 29.73 10.75 -6.24
CA VAL D 154 30.75 9.97 -5.50
C VAL D 154 30.88 8.58 -6.15
N ALA D 155 29.82 8.01 -6.71
CA ALA D 155 29.93 6.73 -7.44
C ALA D 155 30.82 6.92 -8.69
N ALA D 156 30.70 8.04 -9.39
CA ALA D 156 31.48 8.33 -10.62
C ALA D 156 32.92 8.64 -10.20
N LEU D 157 33.16 9.04 -8.95
CA LEU D 157 34.55 9.20 -8.45
C LEU D 157 35.17 7.84 -8.04
N GLY D 158 34.39 6.75 -8.04
CA GLY D 158 34.86 5.40 -7.67
C GLY D 158 34.73 5.17 -6.18
N LEU D 159 33.84 5.90 -5.49
CA LEU D 159 33.65 5.79 -4.03
C LEU D 159 32.35 5.07 -3.73
N ASP D 160 32.33 4.32 -2.63
CA ASP D 160 31.11 3.69 -2.06
C ASP D 160 30.42 4.72 -1.16
N ALA D 161 29.13 4.58 -0.98
CA ALA D 161 28.36 5.48 -0.10
C ALA D 161 27.05 4.80 0.24
N VAL D 162 26.38 5.30 1.26
CA VAL D 162 24.99 4.87 1.53
C VAL D 162 24.25 6.08 2.09
N PRO D 163 23.07 6.44 1.55
CA PRO D 163 22.24 7.45 2.17
C PRO D 163 21.46 6.82 3.34
N ILE D 164 21.34 7.57 4.43
CA ILE D 164 20.78 7.08 5.71
C ILE D 164 19.73 8.06 6.23
N GLU D 165 18.47 7.63 6.30
CA GLU D 165 17.38 8.31 7.05
C GLU D 165 17.20 7.66 8.42
N GLY D 166 17.77 6.48 8.64
CA GLY D 166 17.65 5.71 9.89
C GLY D 166 18.59 6.24 10.95
N PHE D 167 18.31 7.43 11.44
CA PHE D 167 19.06 8.13 12.49
C PHE D 167 18.08 9.04 13.23
N ASP D 168 18.48 9.45 14.43
CA ASP D 168 17.66 10.32 15.30
C ASP D 168 18.14 11.75 15.09
N ALA D 169 17.35 12.54 14.36
CA ALA D 169 17.66 13.92 13.97
C ALA D 169 17.77 14.81 15.23
N ALA D 170 16.94 14.58 16.24
CA ALA D 170 16.97 15.41 17.49
C ALA D 170 18.34 15.24 18.15
N ILE D 171 18.87 14.01 18.19
CA ILE D 171 20.19 13.77 18.84
C ILE D 171 21.28 14.44 18.00
N LEU D 172 21.24 14.25 16.67
CA LEU D 172 22.28 14.82 15.79
C LEU D 172 22.20 16.35 15.87
N ASP D 173 21.01 16.93 15.80
CA ASP D 173 20.86 18.41 15.86
C ASP D 173 21.46 18.92 17.18
N ALA D 174 21.12 18.29 18.30
CA ALA D 174 21.62 18.70 19.64
C ALA D 174 23.15 18.54 19.65
N GLU D 175 23.72 17.46 19.08
CA GLU D 175 25.17 17.18 19.17
C GLU D 175 25.97 18.32 18.53
N PHE D 176 25.45 18.97 17.49
CA PHE D 176 26.16 20.03 16.72
C PHE D 176 25.51 21.41 16.92
N GLY D 177 24.53 21.51 17.81
CA GLY D 177 23.79 22.76 18.07
C GLY D 177 23.14 23.32 16.81
N LEU D 178 22.52 22.47 16.00
CA LEU D 178 22.08 22.89 14.65
C LEU D 178 20.85 23.78 14.80
N LYS D 179 19.98 23.48 15.75
CA LYS D 179 18.69 24.18 15.83
C LYS D 179 18.96 25.69 16.02
N GLU D 180 19.80 26.03 16.98
CA GLU D 180 20.12 27.44 17.34
C GLU D 180 20.79 28.13 16.13
N LYS D 181 21.50 27.40 15.26
CA LYS D 181 22.18 27.98 14.06
C LYS D 181 21.21 28.10 12.89
N GLY D 182 20.02 27.52 13.02
CA GLY D 182 18.95 27.63 12.02
C GLY D 182 18.93 26.47 11.03
N TYR D 183 19.39 25.29 11.42
CA TYR D 183 19.45 24.08 10.55
C TYR D 183 18.90 22.85 11.26
N THR D 184 18.51 21.85 10.46
CA THR D 184 18.13 20.50 10.94
C THR D 184 18.74 19.45 10.00
N SER D 185 19.24 18.37 10.59
CA SER D 185 19.82 17.21 9.87
C SER D 185 18.71 16.41 9.16
N LEU D 186 18.94 16.02 7.90
CA LEU D 186 17.94 15.27 7.12
C LEU D 186 18.48 13.90 6.72
N VAL D 187 19.71 13.85 6.23
CA VAL D 187 20.27 12.61 5.64
C VAL D 187 21.74 12.55 6.03
N VAL D 188 22.19 11.38 6.44
CA VAL D 188 23.61 11.13 6.74
C VAL D 188 24.13 10.22 5.62
N VAL D 189 25.26 10.58 5.00
CA VAL D 189 25.90 9.80 3.90
C VAL D 189 27.34 9.47 4.25
N PRO D 190 27.60 8.29 4.85
CA PRO D 190 28.95 7.76 4.92
C PRO D 190 29.49 7.50 3.50
N VAL D 191 30.74 7.89 3.30
CA VAL D 191 31.49 7.76 2.03
C VAL D 191 32.84 7.08 2.30
N GLY D 192 33.22 6.15 1.42
CA GLY D 192 34.53 5.45 1.47
C GLY D 192 34.57 4.25 0.54
N HIS D 193 34.94 3.09 1.09
CA HIS D 193 35.10 1.82 0.34
C HIS D 193 34.41 0.73 1.14
N HIS D 194 33.65 -0.14 0.49
CA HIS D 194 32.90 -1.21 1.16
C HIS D 194 33.88 -2.23 1.74
N SER D 195 33.46 -2.94 2.79
CA SER D 195 34.20 -4.08 3.35
C SER D 195 33.64 -5.40 2.82
N VAL D 196 34.35 -6.47 3.16
CA VAL D 196 33.95 -7.87 2.96
C VAL D 196 32.55 -8.11 3.55
N GLU D 197 32.14 -7.40 4.59
CA GLU D 197 30.80 -7.60 5.21
C GLU D 197 29.70 -6.94 4.37
N ASP D 198 30.03 -6.21 3.31
CA ASP D 198 28.98 -5.54 2.48
C ASP D 198 28.29 -6.55 1.57
N PHE D 199 27.26 -7.21 2.08
CA PHE D 199 26.50 -8.25 1.35
C PHE D 199 25.87 -7.59 0.12
N ASN D 200 25.62 -6.28 0.16
CA ASN D 200 24.86 -5.58 -0.90
C ASN D 200 25.74 -5.36 -2.14
N ALA D 201 27.07 -5.40 -1.99
CA ALA D 201 28.03 -5.17 -3.09
C ALA D 201 27.91 -6.27 -4.16
N THR D 202 27.41 -7.46 -3.82
CA THR D 202 27.36 -8.60 -4.79
C THR D 202 25.91 -8.97 -5.12
N LEU D 203 24.94 -8.13 -4.76
CA LEU D 203 23.54 -8.36 -5.15
C LEU D 203 23.23 -7.54 -6.39
N PRO D 204 22.42 -8.08 -7.33
CA PRO D 204 21.90 -7.27 -8.42
C PRO D 204 20.97 -6.17 -7.90
N LYS D 205 20.90 -5.08 -8.64
CA LYS D 205 20.01 -3.92 -8.38
C LYS D 205 18.59 -4.35 -8.72
N SER D 206 17.62 -3.89 -7.94
CA SER D 206 16.21 -4.23 -8.19
C SER D 206 15.41 -2.92 -8.34
N ARG D 207 14.71 -2.79 -9.46
CA ARG D 207 13.74 -1.67 -9.65
C ARG D 207 12.48 -2.20 -10.33
N LEU D 208 11.37 -1.51 -10.11
CA LEU D 208 10.12 -1.74 -10.86
C LEU D 208 10.38 -1.54 -12.35
N PRO D 209 9.69 -2.29 -13.22
CA PRO D 209 9.83 -2.08 -14.66
C PRO D 209 9.20 -0.76 -15.10
N GLN D 210 9.74 -0.26 -16.19
CA GLN D 210 9.30 1.00 -16.82
C GLN D 210 7.81 0.88 -17.20
N ASN D 211 7.32 -0.32 -17.49
CA ASN D 211 5.89 -0.47 -17.91
C ASN D 211 4.98 -0.20 -16.72
N ILE D 212 5.51 -0.07 -15.50
CA ILE D 212 4.71 0.40 -14.33
C ILE D 212 4.97 1.90 -14.10
N THR D 213 6.23 2.34 -14.10
CA THR D 213 6.60 3.66 -13.56
C THR D 213 6.67 4.76 -14.64
N LEU D 214 6.68 4.41 -15.92
CA LEU D 214 7.07 5.39 -16.97
C LEU D 214 6.07 5.36 -18.14
N THR D 215 5.41 6.49 -18.39
CA THR D 215 4.47 6.67 -19.53
C THR D 215 5.19 7.51 -20.57
N GLU D 216 5.28 7.04 -21.80
CA GLU D 216 5.84 7.82 -22.92
C GLU D 216 4.70 8.50 -23.69
N VAL D 217 4.80 9.81 -23.80
CA VAL D 217 3.95 10.69 -24.65
C VAL D 217 4.91 11.55 -25.49
#